data_6YGC
#
_entry.id   6YGC
#
_cell.length_a   48.303
_cell.length_b   139.724
_cell.length_c   166.824
_cell.angle_alpha   90.000
_cell.angle_beta   90.000
_cell.angle_gamma   90.000
#
_symmetry.space_group_name_H-M   'P 21 21 21'
#
loop_
_entity.id
_entity.type
_entity.pdbx_description
1 polymer 'N-alpha-acetyltransferase 30'
2 polymer 'N-alpha-acetyltransferase 35, NatC auxiliary subunit'
3 polymer 'N-alpha-acetyltransferase 38, NatC auxiliary subunit'
4 polymer 'ADP-ribosylation factor-like protein 3'
5 non-polymer 'COENZYME A'
6 non-polymer 'CHLORIDE ION'
7 non-polymer GLYCEROL
8 non-polymer 'IODIDE ION'
9 water water
#
loop_
_entity_poly.entity_id
_entity_poly.type
_entity_poly.pdbx_seq_one_letter_code
_entity_poly.pdbx_strand_id
1 'polypeptide(L)'
;MEIVYKPLDIRNEEQFASIKKLIDADLSEPYSIYVYRYFLNQWPELTYIAVDNKSGTPNIPIGCIVCKMDPHRNVRLRGY
IGMLAVESTYRGHGIAKKLVEIAIDKMQREHCDEIMLETEVENSAALNLYEGMGFIRMKRMFRYYLNEGDAFKLILPLT
;
A
2 'polypeptide(L)'
;GPMEVDSILGSLSITDDFDQLVDVTSLFDELCSKLKPEAIVKDPRFDLFEGTHSLEVNNSKLDSSLIELTAEEIEFDVNV
AYDPPLASVAAIADRLLRCVISWLNDYQTLPTTVLSCRYTESLLSSLVKGTTAGSSWCTGNILYDKVLGSCILGVCYLTK
FVQKLLSAGIVFEEEDLNFNNMGFNTFDNLPGQDVVINSLTESLQILEAYSDDSLHLTMLKHILKIIICLVHLEDHLTDY
STKTSHLDELIENANSVNGIFPQLQLSPPKGAFSTYIQKHRSNQFPPRKITKLPTDYSGFITLANDVKTILLVDKAESAL
ETYQFAKFFNKLEQRHVIARILFPLFFIRDDRTVLGKFSYTQFYLLHVKEFSAQTPSEFESSIGNELIQESSNMLLEWYQ
NCSQNTCRYRQGFNRQLILWDSLQAQFESVNSQVYCSWTYFMKLSSMIEFSLKGFDLDIYKPFEAYSMFWYVYYLSHHLE
TFLKDSQNDIESNINAIHSMNKKLKKLKAGEKKDQLRLKYRFAMDNEMEQLQATKQFLNYLLKEINITKSLCLIEVFQFA
ILKSFGLIDNKNSTPSKFSNERLIHNLRFKPFNSIGVPELPEYEVFQQTLKDFVIEEKGAAFDIKLERATNFIETEVRNV
VSSIDEIMQGIKGGDNNGVLVTGTRLVQELSLEYYCKLKHTSKALSVNSKVIVNTLKKNIKNKDSHEYKVELVHTTEGWN
YFPIQTLRIKQDRYK
;
B
3 'polypeptide(L)' MDILKLSDFIGNTLIVSLTEDRILVGSLVAVDAQMNLLLDHVEERMGSSSRMMGLVSVPRRSVKTIMIDKPVLQELT C
4 'polypeptide(L)' MFHLVGSRRR D
#
loop_
_chem_comp.id
_chem_comp.type
_chem_comp.name
_chem_comp.formula
CL non-polymer 'CHLORIDE ION' 'Cl -1'
COA non-polymer 'COENZYME A' 'C21 H36 N7 O16 P3 S'
GOL non-polymer GLYCEROL 'C3 H8 O3'
IOD non-polymer 'IODIDE ION' 'I -1'
#
# COMPACT_ATOMS: atom_id res chain seq x y z
N MET A 1 -13.43 -11.42 41.08
CA MET A 1 -12.29 -10.94 40.32
C MET A 1 -12.02 -9.46 40.65
N GLU A 2 -10.88 -9.20 41.28
CA GLU A 2 -10.51 -7.86 41.72
C GLU A 2 -9.27 -7.43 40.95
N ILE A 3 -9.44 -6.49 40.01
CA ILE A 3 -8.37 -6.05 39.13
C ILE A 3 -7.79 -4.75 39.64
N VAL A 4 -6.46 -4.68 39.71
CA VAL A 4 -5.75 -3.48 40.12
C VAL A 4 -4.85 -3.05 38.97
N TYR A 5 -4.83 -1.77 38.68
CA TYR A 5 -4.06 -1.19 37.58
C TYR A 5 -2.88 -0.42 38.14
N LYS A 6 -1.67 -0.79 37.70
CA LYS A 6 -0.45 -0.27 38.29
C LYS A 6 0.44 0.39 37.23
N PRO A 7 1.12 1.47 37.57
CA PRO A 7 2.21 1.95 36.72
C PRO A 7 3.40 0.99 36.79
N LEU A 8 4.12 0.90 35.67
CA LEU A 8 5.24 -0.04 35.59
C LEU A 8 6.30 0.29 36.64
N ASP A 9 6.74 -0.74 37.36
CA ASP A 9 7.89 -0.63 38.25
C ASP A 9 9.13 -1.04 37.49
N ILE A 10 9.95 -0.07 37.13
CA ILE A 10 11.10 -0.33 36.25
C ILE A 10 12.12 -1.24 36.94
N ARG A 11 12.23 -1.16 38.27
CA ARG A 11 13.21 -1.98 38.96
C ARG A 11 12.76 -3.42 39.09
N ASN A 12 11.46 -3.67 39.01
CA ASN A 12 10.92 -5.03 39.12
C ASN A 12 11.13 -5.74 37.79
N GLU A 13 12.14 -6.62 37.74
CA GLU A 13 12.49 -7.27 36.49
C GLU A 13 11.64 -8.50 36.20
N GLU A 14 11.18 -9.21 37.23
CA GLU A 14 10.24 -10.30 36.98
C GLU A 14 8.90 -9.78 36.49
N GLN A 15 8.53 -8.56 36.88
CA GLN A 15 7.37 -7.92 36.27
C GLN A 15 7.67 -7.49 34.84
N PHE A 16 8.89 -7.01 34.59
CA PHE A 16 9.33 -6.69 33.24
C PHE A 16 9.27 -7.92 32.35
N ALA A 17 9.76 -9.06 32.85
CA ALA A 17 9.79 -10.27 32.04
C ALA A 17 8.39 -10.81 31.77
N SER A 18 7.47 -10.64 32.72
CA SER A 18 6.10 -11.09 32.50
C SER A 18 5.38 -10.21 31.49
N ILE A 19 5.80 -8.95 31.35
CA ILE A 19 5.24 -8.08 30.32
C ILE A 19 5.61 -8.61 28.94
N LYS A 20 6.91 -8.86 28.73
CA LYS A 20 7.35 -9.45 27.47
C LYS A 20 6.74 -10.82 27.25
N LYS A 21 6.63 -11.61 28.32
CA LYS A 21 6.05 -12.95 28.19
C LYS A 21 4.62 -12.88 27.68
N LEU A 22 3.84 -11.92 28.17
CA LEU A 22 2.45 -11.78 27.77
C LEU A 22 2.31 -11.20 26.36
N ILE A 23 3.06 -10.13 26.07
CA ILE A 23 2.96 -9.48 24.76
C ILE A 23 3.38 -10.44 23.65
N ASP A 24 4.44 -11.21 23.88
CA ASP A 24 4.99 -12.05 22.81
C ASP A 24 4.04 -13.16 22.39
N ALA A 25 3.16 -13.61 23.29
CA ALA A 25 2.23 -14.66 22.92
C ALA A 25 1.17 -14.16 21.96
N ASP A 26 0.76 -12.90 22.09
CA ASP A 26 -0.37 -12.36 21.36
C ASP A 26 0.02 -11.44 20.21
N LEU A 27 1.31 -11.35 19.88
CA LEU A 27 1.74 -10.49 18.78
C LEU A 27 2.01 -11.31 17.52
N SER A 28 1.76 -10.69 16.37
CA SER A 28 2.20 -11.26 15.11
C SER A 28 3.64 -10.83 14.80
N GLU A 29 3.93 -9.54 14.96
CA GLU A 29 5.29 -9.04 14.77
C GLU A 29 6.12 -9.34 16.01
N PRO A 30 7.17 -10.14 15.90
CA PRO A 30 8.00 -10.45 17.07
C PRO A 30 8.88 -9.28 17.45
N TYR A 31 9.09 -9.12 18.76
CA TYR A 31 9.85 -8.02 19.32
C TYR A 31 11.09 -8.57 20.03
N SER A 32 12.25 -7.98 19.73
CA SER A 32 13.46 -8.28 20.47
C SER A 32 13.41 -7.59 21.82
N ILE A 33 14.40 -7.91 22.67
CA ILE A 33 14.39 -7.37 24.03
C ILE A 33 14.68 -5.88 24.01
N TYR A 34 15.41 -5.38 23.02
CA TYR A 34 15.68 -3.95 22.93
C TYR A 34 14.51 -3.17 22.34
N VAL A 35 13.53 -3.85 21.75
CA VAL A 35 12.27 -3.19 21.43
C VAL A 35 11.55 -2.80 22.71
N TYR A 36 11.56 -3.69 23.71
CA TYR A 36 10.92 -3.38 24.99
C TYR A 36 11.70 -2.33 25.76
N ARG A 37 13.03 -2.41 25.75
CA ARG A 37 13.84 -1.43 26.47
C ARG A 37 13.84 -0.07 25.80
N TYR A 38 13.45 0.02 24.53
CA TYR A 38 13.25 1.32 23.90
C TYR A 38 12.04 2.02 24.50
N PHE A 39 10.94 1.28 24.70
CA PHE A 39 9.73 1.86 25.28
C PHE A 39 9.86 2.04 26.78
N LEU A 40 10.13 0.96 27.51
CA LEU A 40 9.98 0.95 28.96
C LEU A 40 11.08 1.73 29.66
N ASN A 41 12.32 1.65 29.16
CA ASN A 41 13.42 2.33 29.85
C ASN A 41 13.37 3.84 29.63
N GLN A 42 12.99 4.27 28.43
CA GLN A 42 12.90 5.69 28.10
C GLN A 42 11.59 6.33 28.52
N TRP A 43 10.49 5.59 28.46
CA TRP A 43 9.18 6.07 28.91
C TRP A 43 8.63 5.12 29.96
N PRO A 44 9.20 5.10 31.16
CA PRO A 44 8.68 4.20 32.21
C PRO A 44 7.30 4.57 32.69
N GLU A 45 6.97 5.87 32.72
CA GLU A 45 5.69 6.32 33.23
C GLU A 45 4.53 6.05 32.30
N LEU A 46 4.79 5.59 31.07
CA LEU A 46 3.74 5.39 30.08
C LEU A 46 3.44 3.92 29.81
N THR A 47 3.79 3.04 30.74
CA THR A 47 3.47 1.62 30.64
C THR A 47 2.72 1.21 31.89
N TYR A 48 1.51 0.69 31.70
CA TYR A 48 0.66 0.27 32.80
C TYR A 48 0.37 -1.22 32.69
N ILE A 49 0.17 -1.86 33.84
CA ILE A 49 -0.18 -3.27 33.90
C ILE A 49 -1.46 -3.42 34.71
N ALA A 50 -2.15 -4.54 34.46
CA ALA A 50 -3.34 -4.91 35.20
C ALA A 50 -3.09 -6.24 35.92
N VAL A 51 -3.37 -6.27 37.22
CA VAL A 51 -3.17 -7.46 38.02
C VAL A 51 -4.48 -7.83 38.69
N ASP A 52 -4.61 -9.12 39.01
CA ASP A 52 -5.79 -9.64 39.70
C ASP A 52 -5.42 -9.87 41.16
N ASN A 53 -5.96 -9.03 42.05
CA ASN A 53 -5.57 -9.07 43.46
C ASN A 53 -6.10 -10.31 44.16
N LYS A 54 -7.27 -10.81 43.76
CA LYS A 54 -7.87 -11.98 44.38
C LYS A 54 -7.51 -13.28 43.66
N SER A 55 -6.64 -13.22 42.66
CA SER A 55 -6.19 -14.42 41.98
C SER A 55 -5.12 -15.13 42.80
N GLY A 56 -4.76 -16.34 42.35
CA GLY A 56 -3.72 -17.09 43.03
C GLY A 56 -2.36 -16.42 42.95
N THR A 57 -2.10 -15.69 41.86
CA THR A 57 -0.86 -14.92 41.69
C THR A 57 -1.22 -13.44 41.63
N PRO A 58 -1.13 -12.72 42.75
CA PRO A 58 -1.67 -11.35 42.76
C PRO A 58 -0.92 -10.37 41.88
N ASN A 59 0.41 -10.39 41.90
CA ASN A 59 1.19 -9.37 41.21
C ASN A 59 1.51 -9.70 39.77
N ILE A 60 1.19 -10.90 39.30
CA ILE A 60 1.51 -11.24 37.91
C ILE A 60 0.66 -10.39 36.97
N PRO A 61 1.25 -9.80 35.93
CA PRO A 61 0.47 -8.96 35.00
C PRO A 61 -0.38 -9.81 34.07
N ILE A 62 -1.70 -9.71 34.23
CA ILE A 62 -2.62 -10.35 33.30
C ILE A 62 -2.87 -9.50 32.06
N GLY A 63 -2.55 -8.22 32.13
CA GLY A 63 -2.69 -7.34 30.98
C GLY A 63 -1.75 -6.15 31.15
N CYS A 64 -1.45 -5.51 30.03
CA CYS A 64 -0.56 -4.36 30.07
C CYS A 64 -0.71 -3.56 28.77
N ILE A 65 -0.40 -2.27 28.87
CA ILE A 65 -0.34 -1.38 27.73
C ILE A 65 0.96 -0.61 27.79
N VAL A 66 1.62 -0.45 26.64
CA VAL A 66 2.90 0.23 26.56
C VAL A 66 2.75 1.41 25.59
N CYS A 67 3.17 2.59 26.04
CA CYS A 67 2.99 3.80 25.27
C CYS A 67 4.27 4.62 25.26
N LYS A 68 4.30 5.59 24.33
CA LYS A 68 5.41 6.53 24.21
C LYS A 68 4.86 7.86 23.73
N MET A 69 5.64 8.92 23.93
CA MET A 69 5.26 10.24 23.44
C MET A 69 6.49 10.97 22.92
N ASP A 70 6.35 11.63 21.78
CA ASP A 70 7.39 12.41 21.15
C ASP A 70 6.73 13.57 20.43
N PRO A 71 7.43 14.70 20.28
CA PRO A 71 6.85 15.82 19.52
C PRO A 71 6.69 15.44 18.05
N HIS A 72 5.46 15.59 17.55
CA HIS A 72 5.18 15.32 16.15
C HIS A 72 5.35 16.59 15.35
N ARG A 73 6.03 16.47 14.19
CA ARG A 73 6.50 17.62 13.43
C ARG A 73 7.32 18.52 14.34
N ASN A 74 6.77 19.68 14.72
CA ASN A 74 7.50 20.57 15.61
C ASN A 74 6.65 21.15 16.74
N VAL A 75 5.35 21.38 16.55
CA VAL A 75 4.56 22.18 17.47
C VAL A 75 3.58 21.36 18.28
N ARG A 76 3.58 20.04 18.14
CA ARG A 76 2.58 19.21 18.80
C ARG A 76 3.24 17.97 19.36
N LEU A 77 2.73 17.52 20.51
CA LEU A 77 3.16 16.28 21.14
C LEU A 77 2.18 15.17 20.81
N ARG A 78 2.68 14.06 20.28
CA ARG A 78 1.84 12.94 19.86
C ARG A 78 2.15 11.73 20.73
N GLY A 79 1.19 11.34 21.57
CA GLY A 79 1.31 10.09 22.28
C GLY A 79 1.04 8.91 21.36
N TYR A 80 1.73 7.81 21.63
CA TYR A 80 1.66 6.64 20.76
C TYR A 80 1.42 5.40 21.61
N ILE A 81 0.45 4.58 21.19
CA ILE A 81 0.15 3.31 21.84
C ILE A 81 0.81 2.22 20.99
N GLY A 82 1.87 1.61 21.53
CA GLY A 82 2.60 0.61 20.78
C GLY A 82 2.16 -0.81 21.05
N MET A 83 1.88 -1.12 22.31
CA MET A 83 1.55 -2.49 22.70
C MET A 83 0.38 -2.51 23.67
N LEU A 84 -0.57 -3.40 23.43
CA LEU A 84 -1.71 -3.59 24.32
C LEU A 84 -2.13 -5.05 24.21
N ALA A 85 -2.18 -5.75 25.35
CA ALA A 85 -2.54 -7.16 25.35
C ALA A 85 -3.14 -7.52 26.71
N VAL A 86 -4.11 -8.43 26.68
CA VAL A 86 -4.77 -8.94 27.88
C VAL A 86 -4.74 -10.46 27.82
N GLU A 87 -4.57 -11.09 28.99
CA GLU A 87 -4.56 -12.55 29.05
C GLU A 87 -5.83 -13.13 28.46
N SER A 88 -5.71 -14.32 27.87
CA SER A 88 -6.83 -14.91 27.14
C SER A 88 -7.99 -15.26 28.07
N THR A 89 -7.70 -15.64 29.31
CA THR A 89 -8.75 -15.99 30.26
C THR A 89 -9.41 -14.77 30.90
N TYR A 90 -8.89 -13.57 30.64
CA TYR A 90 -9.41 -12.36 31.28
C TYR A 90 -10.09 -11.40 30.30
N ARG A 91 -10.27 -11.80 29.05
CA ARG A 91 -10.84 -10.91 28.05
C ARG A 91 -12.35 -10.79 28.24
N GLY A 92 -12.90 -9.68 27.77
CA GLY A 92 -14.32 -9.41 27.89
C GLY A 92 -14.74 -8.80 29.21
N HIS A 93 -13.79 -8.38 30.05
CA HIS A 93 -14.09 -7.82 31.36
C HIS A 93 -13.79 -6.33 31.46
N GLY A 94 -13.58 -5.65 30.34
CA GLY A 94 -13.28 -4.24 30.39
C GLY A 94 -11.87 -3.90 30.84
N ILE A 95 -10.97 -4.88 30.88
CA ILE A 95 -9.63 -4.65 31.39
C ILE A 95 -8.83 -3.78 30.43
N ALA A 96 -8.78 -4.17 29.15
CA ALA A 96 -8.03 -3.39 28.17
C ALA A 96 -8.56 -1.96 28.07
N LYS A 97 -9.89 -1.81 28.13
CA LYS A 97 -10.51 -0.49 28.03
C LYS A 97 -9.98 0.44 29.12
N LYS A 98 -9.94 -0.04 30.36
CA LYS A 98 -9.44 0.80 31.44
C LYS A 98 -7.94 1.01 31.35
N LEU A 99 -7.21 0.05 30.78
CA LEU A 99 -5.78 0.25 30.55
C LEU A 99 -5.54 1.35 29.53
N VAL A 100 -6.37 1.42 28.49
CA VAL A 100 -6.23 2.48 27.50
C VAL A 100 -6.63 3.82 28.10
N GLU A 101 -7.69 3.83 28.93
CA GLU A 101 -8.12 5.07 29.56
C GLU A 101 -7.04 5.64 30.47
N ILE A 102 -6.48 4.79 31.35
CA ILE A 102 -5.48 5.27 32.29
C ILE A 102 -4.20 5.66 31.55
N ALA A 103 -3.96 5.09 30.38
CA ALA A 103 -2.79 5.48 29.59
C ALA A 103 -3.02 6.82 28.91
N ILE A 104 -4.16 6.98 28.24
CA ILE A 104 -4.47 8.25 27.58
C ILE A 104 -4.63 9.36 28.61
N ASP A 105 -5.19 9.05 29.78
CA ASP A 105 -5.30 10.05 30.84
C ASP A 105 -3.94 10.48 31.33
N LYS A 106 -2.99 9.54 31.42
CA LYS A 106 -1.63 9.89 31.81
C LYS A 106 -0.97 10.77 30.76
N MET A 107 -1.10 10.39 29.48
CA MET A 107 -0.52 11.20 28.41
C MET A 107 -1.20 12.56 28.30
N GLN A 108 -2.50 12.63 28.63
CA GLN A 108 -3.16 13.93 28.66
C GLN A 108 -2.63 14.79 29.80
N ARG A 109 -2.28 14.17 30.93
CA ARG A 109 -1.61 14.90 32.00
C ARG A 109 -0.25 15.41 31.56
N GLU A 110 0.43 14.66 30.68
CA GLU A 110 1.73 15.07 30.15
C GLU A 110 1.61 15.99 28.95
N HIS A 111 0.43 16.60 28.75
CA HIS A 111 0.22 17.63 27.73
C HIS A 111 0.44 17.08 26.32
N CYS A 112 -0.12 15.90 26.06
CA CYS A 112 -0.16 15.37 24.71
C CYS A 112 -1.34 15.97 23.96
N ASP A 113 -1.09 16.34 22.71
CA ASP A 113 -2.14 16.91 21.87
C ASP A 113 -2.97 15.85 21.16
N GLU A 114 -2.45 14.63 21.05
CA GLU A 114 -3.14 13.57 20.31
C GLU A 114 -2.54 12.23 20.68
N ILE A 115 -3.32 11.18 20.44
CA ILE A 115 -2.88 9.80 20.62
C ILE A 115 -2.97 9.11 19.25
N MET A 116 -1.90 8.41 18.88
CA MET A 116 -1.84 7.73 17.59
C MET A 116 -1.51 6.26 17.80
N LEU A 117 -2.00 5.43 16.88
CA LEU A 117 -1.73 4.00 16.91
C LEU A 117 -2.07 3.40 15.56
N GLU A 118 -1.45 2.27 15.26
CA GLU A 118 -1.73 1.51 14.06
C GLU A 118 -2.30 0.14 14.45
N THR A 119 -3.22 -0.36 13.65
CA THR A 119 -3.81 -1.67 13.91
C THR A 119 -4.32 -2.26 12.61
N GLU A 120 -4.53 -3.57 12.62
CA GLU A 120 -4.98 -4.26 11.43
C GLU A 120 -6.43 -3.92 11.11
N VAL A 121 -6.77 -3.97 9.82
CA VAL A 121 -8.16 -3.76 9.42
C VAL A 121 -9.03 -4.92 9.90
N GLU A 122 -8.44 -6.09 10.11
CA GLU A 122 -9.19 -7.27 10.54
C GLU A 122 -9.33 -7.38 12.04
N ASN A 123 -8.67 -6.51 12.81
CA ASN A 123 -8.75 -6.55 14.27
C ASN A 123 -10.00 -5.78 14.69
N SER A 124 -11.15 -6.47 14.59
CA SER A 124 -12.42 -5.85 14.96
C SER A 124 -12.49 -5.56 16.45
N ALA A 125 -11.84 -6.38 17.27
CA ALA A 125 -11.86 -6.16 18.71
C ALA A 125 -11.13 -4.88 19.08
N ALA A 126 -9.99 -4.61 18.45
CA ALA A 126 -9.23 -3.41 18.77
C ALA A 126 -9.86 -2.16 18.15
N LEU A 127 -10.42 -2.29 16.95
CA LEU A 127 -11.03 -1.14 16.29
C LEU A 127 -12.25 -0.64 17.06
N ASN A 128 -13.11 -1.56 17.50
CA ASN A 128 -14.28 -1.15 18.28
C ASN A 128 -13.86 -0.52 19.60
N LEU A 129 -12.75 -0.97 20.18
CA LEU A 129 -12.28 -0.41 21.44
C LEU A 129 -11.84 1.04 21.28
N TYR A 130 -11.00 1.31 20.27
CA TYR A 130 -10.45 2.65 20.11
C TYR A 130 -11.49 3.60 19.52
N GLU A 131 -12.15 3.20 18.43
CA GLU A 131 -13.14 4.06 17.80
C GLU A 131 -14.29 4.38 18.75
N GLY A 132 -14.62 3.45 19.65
CA GLY A 132 -15.61 3.75 20.67
C GLY A 132 -15.17 4.80 21.66
N MET A 133 -13.86 5.00 21.80
CA MET A 133 -13.31 6.02 22.68
C MET A 133 -13.11 7.35 21.98
N GLY A 134 -13.43 7.45 20.70
CA GLY A 134 -13.29 8.69 19.94
C GLY A 134 -12.29 8.64 18.81
N PHE A 135 -11.50 7.58 18.70
CA PHE A 135 -10.54 7.47 17.60
C PHE A 135 -11.27 7.44 16.26
N ILE A 136 -10.62 7.99 15.23
CA ILE A 136 -11.10 7.94 13.86
C ILE A 136 -9.95 7.52 12.96
N ARG A 137 -10.31 6.91 11.83
CA ARG A 137 -9.31 6.41 10.89
C ARG A 137 -8.84 7.55 10.00
N MET A 138 -7.52 7.79 9.99
CA MET A 138 -6.94 8.85 9.20
C MET A 138 -6.14 8.34 8.00
N LYS A 139 -5.88 7.04 7.93
CA LYS A 139 -5.00 6.50 6.90
C LYS A 139 -5.17 4.99 6.83
N ARG A 140 -5.01 4.44 5.63
CA ARG A 140 -4.98 3.00 5.41
C ARG A 140 -3.68 2.66 4.72
N MET A 141 -2.87 1.83 5.36
CA MET A 141 -1.57 1.43 4.82
C MET A 141 -1.68 0.07 4.14
N PHE A 142 -1.23 0.01 2.89
CA PHE A 142 -1.36 -1.20 2.10
C PHE A 142 -0.35 -2.25 2.56
N ARG A 143 -0.85 -3.39 3.03
CA ARG A 143 -0.02 -4.52 3.46
C ARG A 143 0.99 -4.09 4.51
N TYR A 144 0.53 -3.27 5.47
CA TYR A 144 1.41 -2.79 6.53
C TYR A 144 1.93 -3.96 7.38
N TYR A 145 1.05 -4.93 7.66
CA TYR A 145 1.43 -6.12 8.40
C TYR A 145 1.64 -7.33 7.50
N LEU A 146 1.97 -7.09 6.22
CA LEU A 146 2.29 -8.14 5.25
C LEU A 146 1.04 -9.02 5.08
N ASN A 147 1.17 -10.35 5.12
CA ASN A 147 0.04 -11.24 4.88
C ASN A 147 -1.00 -11.21 5.99
N GLU A 148 -0.79 -10.42 7.04
CA GLU A 148 -1.84 -10.26 8.05
C GLU A 148 -2.99 -9.40 7.51
N GLY A 149 -2.67 -8.43 6.66
CA GLY A 149 -3.65 -7.56 6.08
C GLY A 149 -3.17 -6.13 6.07
N ASP A 150 -4.06 -5.22 5.68
CA ASP A 150 -3.78 -3.80 5.70
C ASP A 150 -3.92 -3.26 7.12
N ALA A 151 -3.63 -1.98 7.29
CA ALA A 151 -3.66 -1.35 8.60
C ALA A 151 -4.44 -0.04 8.55
N PHE A 152 -4.88 0.39 9.72
CA PHE A 152 -5.54 1.68 9.90
C PHE A 152 -4.71 2.51 10.85
N LYS A 153 -4.47 3.76 10.49
CA LYS A 153 -3.81 4.71 11.36
C LYS A 153 -4.90 5.48 12.09
N LEU A 154 -4.97 5.30 13.41
CA LEU A 154 -6.01 5.90 14.24
C LEU A 154 -5.43 7.06 15.02
N ILE A 155 -6.20 8.16 15.10
CA ILE A 155 -5.78 9.35 15.83
C ILE A 155 -6.95 9.83 16.69
N LEU A 156 -6.67 10.15 17.95
CA LEU A 156 -7.63 10.74 18.86
C LEU A 156 -7.15 12.12 19.26
N PRO A 157 -7.74 13.20 18.71
CA PRO A 157 -7.27 14.55 19.04
C PRO A 157 -7.67 14.94 20.46
N LEU A 158 -6.70 15.46 21.22
CA LEU A 158 -6.94 15.89 22.59
C LEU A 158 -6.96 17.39 22.77
N THR A 159 -6.23 18.14 21.95
CA THR A 159 -6.25 19.60 22.01
C THR A 159 -6.44 20.19 20.61
N PRO B 2 29.47 -30.99 11.11
CA PRO B 2 29.93 -31.87 12.19
C PRO B 2 31.08 -32.78 11.74
N MET B 3 30.74 -33.93 11.16
CA MET B 3 31.75 -34.86 10.66
C MET B 3 32.47 -34.36 9.42
N GLU B 4 32.09 -33.19 8.89
CA GLU B 4 32.76 -32.63 7.74
C GLU B 4 34.18 -32.21 8.09
N VAL B 5 35.12 -32.48 7.18
CA VAL B 5 36.52 -32.23 7.46
C VAL B 5 36.80 -30.73 7.53
N ASP B 6 36.20 -29.96 6.61
CA ASP B 6 36.52 -28.53 6.53
C ASP B 6 35.97 -27.75 7.72
N SER B 7 34.85 -28.21 8.29
CA SER B 7 34.33 -27.55 9.48
C SER B 7 35.21 -27.80 10.69
N ILE B 8 35.89 -28.96 10.73
CA ILE B 8 36.77 -29.27 11.85
C ILE B 8 38.01 -28.37 11.81
N LEU B 9 38.70 -28.32 10.67
CA LEU B 9 39.88 -27.47 10.55
C LEU B 9 39.51 -25.99 10.60
N GLY B 10 38.32 -25.62 10.13
CA GLY B 10 37.90 -24.23 10.13
C GLY B 10 37.66 -23.66 11.51
N SER B 11 37.41 -24.52 12.50
CA SER B 11 37.18 -24.05 13.85
C SER B 11 38.44 -23.42 14.44
N LEU B 12 39.61 -23.83 13.97
CA LEU B 12 40.88 -23.26 14.39
C LEU B 12 41.13 -21.89 13.76
N SER B 13 40.52 -21.61 12.60
CA SER B 13 40.78 -20.39 11.86
C SER B 13 39.82 -19.26 12.21
N ILE B 14 38.82 -19.50 13.06
CA ILE B 14 37.87 -18.45 13.39
C ILE B 14 38.52 -17.37 14.25
N THR B 15 39.48 -17.74 15.08
CA THR B 15 40.18 -16.80 15.95
C THR B 15 41.50 -16.32 15.35
N ASP B 16 41.92 -16.89 14.21
CA ASP B 16 43.24 -16.60 13.66
C ASP B 16 43.42 -15.14 13.29
N ASP B 17 42.34 -14.46 12.88
CA ASP B 17 42.49 -13.08 12.43
C ASP B 17 42.92 -12.17 13.57
N PHE B 18 42.41 -12.41 14.78
CA PHE B 18 42.78 -11.62 15.95
C PHE B 18 44.00 -12.24 16.63
N ASP B 19 45.02 -11.42 16.85
CA ASP B 19 46.28 -11.95 17.37
C ASP B 19 46.20 -12.32 18.84
N GLN B 20 45.53 -11.50 19.65
CA GLN B 20 45.44 -11.74 21.09
C GLN B 20 44.02 -11.48 21.57
N LEU B 21 43.52 -12.34 22.44
CA LEU B 21 42.18 -12.21 22.99
C LEU B 21 42.22 -12.25 24.50
N VAL B 22 41.42 -11.38 25.13
CA VAL B 22 41.31 -11.29 26.58
C VAL B 22 39.86 -11.54 26.96
N ASP B 23 39.64 -12.45 27.89
CA ASP B 23 38.28 -12.73 28.37
C ASP B 23 37.80 -11.59 29.26
N VAL B 24 36.64 -11.03 28.93
CA VAL B 24 36.06 -9.91 29.66
C VAL B 24 34.71 -10.25 30.27
N THR B 25 34.35 -11.54 30.27
CA THR B 25 33.02 -11.92 30.75
C THR B 25 32.87 -11.64 32.25
N SER B 26 33.91 -11.92 33.04
CA SER B 26 33.86 -11.62 34.46
C SER B 26 33.79 -10.13 34.71
N LEU B 27 34.41 -9.32 33.85
CA LEU B 27 34.35 -7.88 34.00
C LEU B 27 32.96 -7.34 33.67
N PHE B 28 32.35 -7.86 32.60
CA PHE B 28 31.04 -7.38 32.18
C PHE B 28 29.97 -7.70 33.22
N ASP B 29 30.01 -8.89 33.79
CA ASP B 29 28.97 -9.32 34.73
C ASP B 29 28.93 -8.40 35.95
N GLU B 30 30.09 -8.11 36.53
CA GLU B 30 30.12 -7.28 37.74
C GLU B 30 29.83 -5.82 37.42
N LEU B 31 30.22 -5.35 36.23
CA LEU B 31 29.93 -3.96 35.87
C LEU B 31 28.45 -3.77 35.56
N CYS B 32 27.84 -4.72 34.83
CA CYS B 32 26.40 -4.64 34.59
C CYS B 32 25.61 -4.86 35.87
N SER B 33 26.13 -5.68 36.78
CA SER B 33 25.53 -5.81 38.10
C SER B 33 25.63 -4.50 38.89
N LYS B 34 26.59 -3.65 38.55
CA LYS B 34 26.76 -2.38 39.24
C LYS B 34 25.78 -1.32 38.75
N LEU B 35 25.30 -1.43 37.52
CA LEU B 35 24.41 -0.44 36.96
C LEU B 35 23.03 -0.51 37.60
N LYS B 36 22.34 0.63 37.61
CA LYS B 36 20.96 0.66 38.04
C LYS B 36 20.07 -0.06 37.02
N PRO B 37 19.00 -0.70 37.48
CA PRO B 37 18.18 -1.50 36.54
C PRO B 37 17.58 -0.69 35.40
N GLU B 38 17.30 0.59 35.61
CA GLU B 38 16.67 1.39 34.56
C GLU B 38 17.65 1.89 33.51
N ALA B 39 18.93 1.99 33.85
CA ALA B 39 19.90 2.61 32.97
C ALA B 39 20.31 1.69 31.83
N ILE B 40 20.65 2.31 30.69
CA ILE B 40 21.17 1.62 29.52
C ILE B 40 22.44 2.34 29.09
N VAL B 41 23.56 1.61 29.04
CA VAL B 41 24.81 2.18 28.57
C VAL B 41 24.83 2.15 27.06
N LYS B 42 25.07 3.31 26.44
CA LYS B 42 25.06 3.42 24.99
C LYS B 42 25.78 4.70 24.59
N ASP B 43 26.02 4.83 23.29
CA ASP B 43 26.54 6.07 22.73
C ASP B 43 25.48 7.14 22.86
N PRO B 44 25.78 8.29 23.49
CA PRO B 44 24.75 9.34 23.62
C PRO B 44 24.17 9.79 22.29
N ARG B 45 24.95 9.75 21.21
CA ARG B 45 24.42 10.09 19.89
C ARG B 45 23.39 9.06 19.42
N PHE B 46 23.54 7.80 19.83
CA PHE B 46 22.71 6.73 19.31
C PHE B 46 21.29 6.83 19.83
N ASP B 47 20.33 6.72 18.92
CA ASP B 47 18.92 6.70 19.26
C ASP B 47 18.46 5.27 19.46
N LEU B 48 17.85 5.00 20.62
CA LEU B 48 17.42 3.63 20.94
C LEU B 48 16.33 3.12 20.01
N PHE B 49 15.67 4.01 19.26
CA PHE B 49 14.70 3.55 18.26
C PHE B 49 15.38 2.77 17.15
N GLU B 50 16.63 3.11 16.85
CA GLU B 50 17.39 2.40 15.81
C GLU B 50 17.68 0.95 16.19
N GLY B 51 17.41 0.55 17.43
CA GLY B 51 17.58 -0.82 17.87
C GLY B 51 16.33 -1.66 17.85
N THR B 52 15.22 -1.15 17.30
CA THR B 52 13.99 -1.92 17.24
C THR B 52 14.00 -2.96 16.13
N HIS B 53 14.82 -2.78 15.09
CA HIS B 53 14.96 -3.75 14.02
C HIS B 53 16.02 -4.80 14.33
N SER B 54 16.35 -4.99 15.61
CA SER B 54 17.39 -5.93 15.99
C SER B 54 16.86 -7.36 15.99
N LEU B 55 17.75 -8.30 15.67
CA LEU B 55 17.46 -9.71 15.81
C LEU B 55 17.89 -10.19 17.19
N GLU B 56 17.33 -11.32 17.62
CA GLU B 56 17.64 -11.89 18.92
C GLU B 56 18.06 -13.34 18.75
N VAL B 57 19.21 -13.69 19.32
CA VAL B 57 19.70 -15.06 19.20
C VAL B 57 18.88 -15.98 20.10
N ASN B 58 18.78 -17.24 19.69
CA ASN B 58 18.02 -18.28 20.39
C ASN B 58 16.53 -17.94 20.51
N ASN B 59 16.05 -17.01 19.68
CA ASN B 59 14.62 -16.72 19.57
C ASN B 59 14.16 -17.29 18.23
N SER B 60 13.30 -18.31 18.29
CA SER B 60 12.91 -19.03 17.08
C SER B 60 12.31 -18.10 16.04
N LYS B 61 11.55 -17.09 16.47
CA LYS B 61 10.91 -16.16 15.56
C LYS B 61 11.85 -15.10 15.03
N LEU B 62 13.04 -14.94 15.61
CA LEU B 62 13.97 -13.89 15.21
C LEU B 62 15.38 -14.37 14.93
N ASP B 63 15.67 -15.67 15.06
CA ASP B 63 17.00 -16.20 14.80
C ASP B 63 16.96 -17.03 13.53
N SER B 64 17.74 -16.62 12.53
CA SER B 64 17.82 -17.35 11.28
C SER B 64 18.62 -18.64 11.41
N SER B 65 19.46 -18.75 12.44
CA SER B 65 20.28 -19.94 12.62
C SER B 65 19.50 -21.12 13.18
N LEU B 66 18.33 -20.88 13.77
CA LEU B 66 17.54 -21.92 14.39
C LEU B 66 16.53 -22.56 13.43
N ILE B 67 16.60 -22.24 12.14
CA ILE B 67 15.66 -22.82 11.19
C ILE B 67 15.87 -24.32 11.11
N GLU B 68 14.77 -25.06 11.26
CA GLU B 68 14.80 -26.52 11.18
C GLU B 68 14.66 -26.96 9.73
N LEU B 69 15.61 -27.76 9.26
CA LEU B 69 15.61 -28.28 7.91
C LEU B 69 15.55 -29.80 7.95
N THR B 70 15.03 -30.39 6.88
CA THR B 70 15.07 -31.84 6.74
C THR B 70 16.46 -32.27 6.26
N ALA B 71 16.69 -33.58 6.32
CA ALA B 71 17.96 -34.10 5.82
C ALA B 71 18.10 -33.84 4.32
N GLU B 72 17.01 -33.99 3.57
CA GLU B 72 17.06 -33.74 2.13
C GLU B 72 17.33 -32.27 1.84
N GLU B 73 16.76 -31.36 2.64
CA GLU B 73 16.98 -29.93 2.43
C GLU B 73 18.42 -29.53 2.72
N ILE B 74 19.09 -30.22 3.64
CA ILE B 74 20.49 -29.94 3.90
C ILE B 74 21.37 -30.63 2.87
N GLU B 75 21.01 -31.85 2.47
CA GLU B 75 21.84 -32.66 1.59
C GLU B 75 21.64 -32.37 0.11
N PHE B 76 20.82 -31.39 -0.26
CA PHE B 76 20.55 -31.16 -1.67
C PHE B 76 21.81 -30.66 -2.37
N ASP B 77 22.17 -31.34 -3.46
CA ASP B 77 23.34 -31.01 -4.25
C ASP B 77 22.88 -30.60 -5.64
N VAL B 78 23.36 -29.45 -6.11
CA VAL B 78 23.01 -28.97 -7.44
C VAL B 78 23.62 -29.85 -8.52
N ASN B 79 24.71 -30.57 -8.20
CA ASN B 79 25.40 -31.39 -9.20
C ASN B 79 24.80 -32.78 -9.35
N VAL B 80 23.94 -33.20 -8.44
CA VAL B 80 23.30 -34.51 -8.55
C VAL B 80 22.09 -34.40 -9.47
N ALA B 81 22.02 -35.28 -10.47
CA ALA B 81 20.90 -35.32 -11.39
C ALA B 81 19.88 -36.31 -10.85
N TYR B 82 18.91 -35.80 -10.08
CA TYR B 82 17.93 -36.66 -9.44
C TYR B 82 16.99 -37.26 -10.48
N ASP B 83 16.67 -38.54 -10.31
CA ASP B 83 15.81 -39.33 -11.18
C ASP B 83 14.35 -39.24 -10.71
N PRO B 84 13.39 -39.22 -11.63
CA PRO B 84 13.60 -39.21 -13.09
C PRO B 84 13.93 -37.82 -13.61
N PRO B 85 14.88 -37.75 -14.55
CA PRO B 85 15.37 -36.43 -15.00
C PRO B 85 14.30 -35.56 -15.64
N LEU B 86 13.55 -36.11 -16.62
CA LEU B 86 12.58 -35.30 -17.33
C LEU B 86 11.45 -34.85 -16.41
N ALA B 87 10.98 -35.74 -15.53
CA ALA B 87 9.87 -35.39 -14.65
C ALA B 87 10.31 -34.43 -13.54
N SER B 88 11.57 -34.53 -13.10
CA SER B 88 12.04 -33.65 -12.02
C SER B 88 12.36 -32.26 -12.54
N VAL B 89 13.00 -32.16 -13.71
CA VAL B 89 13.29 -30.85 -14.29
C VAL B 89 12.00 -30.08 -14.53
N ALA B 90 10.97 -30.76 -15.05
CA ALA B 90 9.67 -30.11 -15.22
C ALA B 90 9.08 -29.71 -13.88
N ALA B 91 9.20 -30.58 -12.87
CA ALA B 91 8.69 -30.25 -11.54
C ALA B 91 9.48 -29.11 -10.92
N ILE B 92 10.80 -29.07 -11.16
CA ILE B 92 11.62 -27.97 -10.67
C ILE B 92 11.28 -26.68 -11.40
N ALA B 93 11.16 -26.76 -12.73
CA ALA B 93 10.85 -25.57 -13.52
C ALA B 93 9.44 -25.05 -13.22
N ASP B 94 8.49 -25.96 -13.00
CA ASP B 94 7.14 -25.55 -12.65
C ASP B 94 7.13 -24.79 -11.33
N ARG B 95 7.87 -25.28 -10.33
CA ARG B 95 7.92 -24.61 -9.04
C ARG B 95 8.50 -23.21 -9.17
N LEU B 96 9.48 -23.02 -10.06
CA LEU B 96 10.13 -21.72 -10.17
C LEU B 96 9.19 -20.67 -10.77
N LEU B 97 8.42 -21.04 -11.79
CA LEU B 97 7.50 -20.08 -12.40
C LEU B 97 6.37 -19.72 -11.44
N ARG B 98 5.85 -20.71 -10.71
CA ARG B 98 4.87 -20.41 -9.67
C ARG B 98 5.48 -19.66 -8.50
N CYS B 99 6.80 -19.78 -8.28
CA CYS B 99 7.47 -18.93 -7.31
C CYS B 99 7.55 -17.49 -7.81
N VAL B 100 7.72 -17.31 -9.13
CA VAL B 100 7.73 -15.97 -9.70
C VAL B 100 6.38 -15.29 -9.51
N ILE B 101 5.30 -16.06 -9.66
CA ILE B 101 3.95 -15.49 -9.51
C ILE B 101 3.71 -15.11 -8.06
N SER B 102 4.06 -15.98 -7.12
CA SER B 102 3.87 -15.68 -5.71
C SER B 102 4.68 -14.44 -5.29
N TRP B 103 5.85 -14.26 -5.89
CA TRP B 103 6.67 -13.09 -5.60
C TRP B 103 6.00 -11.81 -6.08
N LEU B 104 5.51 -11.81 -7.32
CA LEU B 104 5.00 -10.61 -7.96
C LEU B 104 3.49 -10.44 -7.78
N ASN B 105 2.72 -11.49 -8.05
CA ASN B 105 1.26 -11.36 -7.97
C ASN B 105 0.75 -11.43 -6.53
N ASP B 106 1.38 -12.25 -5.69
CA ASP B 106 0.93 -12.46 -4.32
C ASP B 106 1.71 -11.62 -3.31
N TYR B 107 2.58 -10.72 -3.78
CA TYR B 107 3.31 -9.78 -2.91
C TYR B 107 4.11 -10.50 -1.84
N GLN B 108 4.81 -11.56 -2.23
CA GLN B 108 5.64 -12.31 -1.31
C GLN B 108 7.10 -11.89 -1.44
N THR B 109 7.87 -12.17 -0.39
CA THR B 109 9.25 -11.73 -0.33
C THR B 109 10.10 -12.50 -1.34
N LEU B 110 11.16 -11.83 -1.81
CA LEU B 110 12.06 -12.45 -2.77
C LEU B 110 12.82 -13.66 -2.22
N PRO B 111 13.33 -13.65 -0.99
CA PRO B 111 14.02 -14.86 -0.50
C PRO B 111 13.12 -16.07 -0.35
N THR B 112 11.81 -15.86 -0.18
CA THR B 112 10.88 -16.97 0.01
C THR B 112 10.56 -17.67 -1.31
N THR B 113 10.63 -16.94 -2.42
CA THR B 113 10.13 -17.47 -3.69
C THR B 113 11.31 -17.74 -4.62
N VAL B 114 11.79 -16.77 -5.38
CA VAL B 114 12.76 -17.03 -6.43
C VAL B 114 14.10 -17.49 -5.85
N LEU B 115 14.51 -16.90 -4.73
CA LEU B 115 15.81 -17.21 -4.14
C LEU B 115 15.79 -18.44 -3.24
N SER B 116 14.61 -19.03 -2.98
CA SER B 116 14.55 -20.27 -2.24
C SER B 116 15.12 -21.43 -3.05
N CYS B 117 15.12 -21.32 -4.37
CA CYS B 117 15.64 -22.38 -5.22
C CYS B 117 17.15 -22.50 -5.06
N ARG B 118 17.63 -23.73 -4.84
CA ARG B 118 19.07 -23.95 -4.71
C ARG B 118 19.79 -23.72 -6.03
N TYR B 119 19.10 -23.90 -7.15
CA TYR B 119 19.72 -23.64 -8.44
C TYR B 119 19.83 -22.14 -8.70
N THR B 120 18.86 -21.36 -8.24
CA THR B 120 18.94 -19.90 -8.40
C THR B 120 20.09 -19.32 -7.59
N GLU B 121 20.24 -19.79 -6.34
CA GLU B 121 21.36 -19.32 -5.53
C GLU B 121 22.70 -19.78 -6.11
N SER B 122 22.72 -20.93 -6.78
CA SER B 122 23.98 -21.42 -7.34
C SER B 122 24.41 -20.60 -8.55
N LEU B 123 23.46 -20.26 -9.43
CA LEU B 123 23.83 -19.50 -10.62
C LEU B 123 24.26 -18.07 -10.27
N LEU B 124 23.55 -17.43 -9.34
CA LEU B 124 23.90 -16.07 -8.96
C LEU B 124 25.22 -16.00 -8.21
N SER B 125 25.58 -17.07 -7.49
CA SER B 125 26.81 -17.04 -6.71
C SER B 125 28.05 -17.12 -7.59
N SER B 126 27.97 -17.89 -8.68
CA SER B 126 29.11 -18.00 -9.59
C SER B 126 29.28 -16.74 -10.42
N LEU B 127 28.19 -16.01 -10.67
CA LEU B 127 28.28 -14.78 -11.47
C LEU B 127 29.00 -13.67 -10.71
N VAL B 128 28.86 -13.62 -9.38
CA VAL B 128 29.49 -12.56 -8.60
C VAL B 128 31.00 -12.61 -8.74
N LYS B 129 31.55 -13.81 -8.85
CA LYS B 129 33.00 -13.99 -8.98
C LYS B 129 33.47 -13.63 -10.39
N SER B 135 28.28 -24.24 -16.58
CA SER B 135 27.73 -23.20 -15.71
C SER B 135 28.12 -23.45 -14.26
N SER B 136 27.19 -23.14 -13.33
CA SER B 136 27.49 -23.27 -11.91
C SER B 136 27.48 -24.73 -11.47
N TRP B 137 26.61 -25.55 -12.04
CA TRP B 137 26.53 -26.97 -11.72
C TRP B 137 26.73 -27.80 -12.99
N CYS B 138 27.40 -28.94 -12.84
CA CYS B 138 27.65 -29.86 -13.95
C CYS B 138 27.17 -31.24 -13.49
N THR B 139 25.93 -31.58 -13.84
CA THR B 139 25.33 -32.82 -13.35
C THR B 139 25.68 -34.03 -14.21
N GLY B 140 26.14 -33.82 -15.43
CA GLY B 140 26.32 -34.92 -16.36
C GLY B 140 25.08 -35.28 -17.14
N ASN B 141 23.96 -34.62 -16.88
CA ASN B 141 22.72 -34.84 -17.62
C ASN B 141 22.40 -33.58 -18.42
N ILE B 142 21.87 -33.79 -19.62
CA ILE B 142 21.63 -32.66 -20.53
C ILE B 142 20.49 -31.78 -20.04
N LEU B 143 19.55 -32.36 -19.28
CA LEU B 143 18.38 -31.59 -18.85
C LEU B 143 18.72 -30.64 -17.71
N TYR B 144 19.55 -31.07 -16.77
CA TYR B 144 19.94 -30.19 -15.68
C TYR B 144 21.00 -29.18 -16.11
N ASP B 145 21.95 -29.61 -16.95
CA ASP B 145 23.07 -28.75 -17.29
C ASP B 145 22.69 -27.66 -18.29
N LYS B 146 21.93 -28.01 -19.32
CA LYS B 146 21.59 -27.08 -20.38
C LYS B 146 20.13 -26.64 -20.36
N VAL B 147 19.20 -27.58 -20.23
CA VAL B 147 17.77 -27.22 -20.25
C VAL B 147 17.40 -26.43 -19.00
N LEU B 148 17.77 -26.94 -17.83
CA LEU B 148 17.48 -26.20 -16.59
C LEU B 148 18.40 -24.99 -16.44
N GLY B 149 19.66 -25.12 -16.87
CA GLY B 149 20.57 -24.00 -16.83
C GLY B 149 20.07 -22.81 -17.63
N SER B 150 19.33 -23.06 -18.71
CA SER B 150 18.70 -21.98 -19.46
C SER B 150 17.49 -21.43 -18.71
N CYS B 151 16.74 -22.30 -18.04
CA CYS B 151 15.57 -21.86 -17.29
C CYS B 151 15.96 -20.98 -16.11
N ILE B 152 17.00 -21.36 -15.38
CA ILE B 152 17.44 -20.57 -14.24
C ILE B 152 17.96 -19.21 -14.71
N LEU B 153 18.64 -19.19 -15.85
CA LEU B 153 19.18 -17.92 -16.35
C LEU B 153 18.07 -16.96 -16.76
N GLY B 154 16.99 -17.49 -17.33
CA GLY B 154 15.90 -16.63 -17.76
C GLY B 154 15.21 -15.93 -16.60
N VAL B 155 14.92 -16.69 -15.54
CA VAL B 155 14.30 -16.10 -14.36
C VAL B 155 15.26 -15.15 -13.65
N CYS B 156 16.55 -15.51 -13.63
CA CYS B 156 17.55 -14.60 -13.05
C CYS B 156 17.66 -13.32 -13.87
N TYR B 157 17.58 -13.43 -15.20
CA TYR B 157 17.56 -12.23 -16.03
C TYR B 157 16.27 -11.43 -15.81
N LEU B 158 15.17 -12.11 -15.51
CA LEU B 158 13.91 -11.42 -15.25
C LEU B 158 13.99 -10.57 -13.99
N THR B 159 14.57 -11.12 -12.93
CA THR B 159 14.68 -10.37 -11.67
C THR B 159 15.62 -9.17 -11.81
N LYS B 160 16.66 -9.29 -12.64
CA LYS B 160 17.53 -8.14 -12.88
C LYS B 160 16.78 -7.00 -13.55
N PHE B 161 15.86 -7.33 -14.47
CA PHE B 161 15.04 -6.30 -15.09
C PHE B 161 14.02 -5.74 -14.10
N VAL B 162 13.48 -6.58 -13.22
CA VAL B 162 12.59 -6.09 -12.17
C VAL B 162 13.34 -5.12 -11.26
N GLN B 163 14.63 -5.37 -11.03
CA GLN B 163 15.44 -4.46 -10.23
C GLN B 163 15.53 -3.08 -10.87
N LYS B 164 15.73 -3.03 -12.19
CA LYS B 164 15.84 -1.75 -12.87
C LYS B 164 14.50 -1.00 -12.87
N LEU B 165 13.39 -1.73 -12.87
CA LEU B 165 12.08 -1.08 -12.76
C LEU B 165 11.91 -0.44 -11.39
N LEU B 166 12.41 -1.10 -10.33
CA LEU B 166 12.31 -0.53 -8.99
C LEU B 166 13.29 0.61 -8.78
N SER B 167 14.41 0.61 -9.50
CA SER B 167 15.38 1.71 -9.38
C SER B 167 14.82 3.03 -9.89
N ALA B 168 13.69 3.01 -10.60
CA ALA B 168 13.05 4.23 -11.07
C ALA B 168 12.28 4.95 -9.98
N GLY B 169 12.10 4.34 -8.82
CA GLY B 169 11.40 4.98 -7.73
C GLY B 169 9.93 5.24 -7.98
N ILE B 170 9.32 4.52 -8.91
CA ILE B 170 7.92 4.75 -9.24
C ILE B 170 7.02 4.37 -8.08
N VAL B 171 7.08 3.11 -7.66
CA VAL B 171 6.21 2.62 -6.59
C VAL B 171 7.03 2.43 -5.31
N PHE B 172 6.36 1.96 -4.27
CA PHE B 172 6.94 1.90 -2.93
C PHE B 172 7.47 0.49 -2.65
N GLU B 173 8.71 0.42 -2.19
CA GLU B 173 9.37 -0.86 -1.97
C GLU B 173 8.76 -1.60 -0.78
N GLU B 174 8.78 -2.93 -0.88
CA GLU B 174 8.36 -3.87 0.16
C GLU B 174 6.90 -3.71 0.58
N GLU B 175 6.11 -2.96 -0.17
CA GLU B 175 4.66 -3.04 -0.04
C GLU B 175 4.00 -3.23 -1.40
N ASP B 176 4.49 -2.56 -2.45
CA ASP B 176 4.07 -2.88 -3.80
C ASP B 176 4.89 -4.03 -4.38
N LEU B 177 6.15 -4.14 -3.98
CA LEU B 177 7.04 -5.16 -4.53
C LEU B 177 8.24 -5.32 -3.61
N ASN B 178 8.51 -6.55 -3.21
CA ASN B 178 9.67 -6.86 -2.37
C ASN B 178 10.85 -7.25 -3.27
N PHE B 179 12.00 -6.63 -3.03
CA PHE B 179 13.24 -6.99 -3.71
C PHE B 179 14.37 -7.12 -2.68
N ASN B 180 14.20 -8.08 -1.79
CA ASN B 180 15.22 -8.41 -0.79
C ASN B 180 16.07 -9.53 -1.37
N ASN B 181 17.13 -9.16 -2.07
CA ASN B 181 17.98 -10.13 -2.77
C ASN B 181 19.13 -10.64 -1.90
N MET B 182 19.19 -10.26 -0.63
CA MET B 182 20.22 -10.74 0.29
C MET B 182 21.63 -10.42 -0.22
N GLY B 183 21.83 -9.17 -0.60
CA GLY B 183 23.14 -8.70 -1.01
C GLY B 183 23.61 -9.17 -2.36
N PHE B 184 22.74 -9.76 -3.17
CA PHE B 184 23.11 -10.27 -4.48
C PHE B 184 23.29 -9.11 -5.46
N ASN B 185 24.52 -8.92 -5.94
CA ASN B 185 24.84 -7.94 -6.96
C ASN B 185 25.61 -8.67 -8.06
N THR B 186 24.95 -8.94 -9.18
CA THR B 186 25.57 -9.64 -10.30
C THR B 186 26.42 -8.72 -11.17
N PHE B 187 26.52 -7.43 -10.82
CA PHE B 187 27.30 -6.47 -11.59
C PHE B 187 26.93 -6.51 -13.07
N ASP B 188 27.94 -6.47 -13.93
CA ASP B 188 27.77 -6.65 -15.36
C ASP B 188 28.01 -8.10 -15.78
N ASN B 189 28.21 -9.00 -14.82
CA ASN B 189 28.49 -10.39 -15.15
C ASN B 189 27.28 -11.13 -15.69
N LEU B 190 26.07 -10.63 -15.42
CA LEU B 190 24.88 -11.26 -15.95
C LEU B 190 24.79 -11.01 -17.45
N PRO B 191 24.49 -12.04 -18.25
CA PRO B 191 24.52 -11.88 -19.70
C PRO B 191 23.41 -10.97 -20.21
N GLY B 192 23.56 -10.53 -21.46
CA GLY B 192 22.59 -9.70 -22.12
C GLY B 192 21.37 -10.48 -22.57
N GLN B 193 20.41 -9.74 -23.14
CA GLN B 193 19.15 -10.35 -23.54
C GLN B 193 19.35 -11.35 -24.66
N ASP B 194 20.25 -11.05 -25.60
CA ASP B 194 20.47 -11.95 -26.73
C ASP B 194 20.97 -13.30 -26.28
N VAL B 195 21.88 -13.32 -25.29
CA VAL B 195 22.44 -14.58 -24.83
C VAL B 195 21.39 -15.41 -24.11
N VAL B 196 20.55 -14.77 -23.29
CA VAL B 196 19.56 -15.50 -22.51
C VAL B 196 18.52 -16.14 -23.44
N ILE B 197 18.06 -15.41 -24.45
CA ILE B 197 17.05 -15.95 -25.35
C ILE B 197 17.61 -17.10 -26.17
N ASN B 198 18.85 -16.96 -26.65
CA ASN B 198 19.47 -18.02 -27.43
C ASN B 198 19.70 -19.27 -26.58
N SER B 199 20.08 -19.09 -25.31
CA SER B 199 20.24 -20.23 -24.42
C SER B 199 18.91 -20.96 -24.22
N LEU B 200 17.82 -20.21 -24.08
CA LEU B 200 16.51 -20.83 -23.96
C LEU B 200 16.06 -21.46 -25.27
N THR B 201 16.41 -20.84 -26.41
CA THR B 201 16.04 -21.39 -27.70
C THR B 201 16.83 -22.67 -28.00
N GLU B 202 18.10 -22.71 -27.59
CA GLU B 202 18.90 -23.91 -27.81
C GLU B 202 18.42 -25.06 -26.93
N SER B 203 18.06 -24.78 -25.68
CA SER B 203 17.48 -25.81 -24.84
C SER B 203 16.09 -26.20 -25.33
N LEU B 204 15.40 -25.29 -26.01
CA LEU B 204 14.08 -25.61 -26.56
C LEU B 204 14.20 -26.59 -27.72
N GLN B 205 15.13 -26.35 -28.64
CA GLN B 205 15.32 -27.23 -29.77
C GLN B 205 15.79 -28.62 -29.34
N ILE B 206 16.41 -28.73 -28.16
CA ILE B 206 16.71 -30.05 -27.62
C ILE B 206 15.43 -30.80 -27.29
N LEU B 207 14.45 -30.09 -26.70
CA LEU B 207 13.16 -30.70 -26.40
C LEU B 207 12.43 -31.05 -27.69
N GLU B 208 12.56 -30.22 -28.72
CA GLU B 208 11.92 -30.52 -30.00
C GLU B 208 12.52 -31.76 -30.64
N ALA B 209 13.84 -31.91 -30.56
CA ALA B 209 14.54 -33.04 -31.15
C ALA B 209 14.35 -34.34 -30.37
N TYR B 210 13.85 -34.27 -29.15
CA TYR B 210 13.63 -35.48 -28.36
C TYR B 210 12.55 -36.34 -28.99
N SER B 211 12.87 -37.62 -29.21
CA SER B 211 11.91 -38.53 -29.84
C SER B 211 10.78 -38.90 -28.90
N ASP B 212 11.09 -39.05 -27.61
CA ASP B 212 10.06 -39.43 -26.64
C ASP B 212 9.02 -38.33 -26.52
N ASP B 213 7.81 -38.74 -26.12
CA ASP B 213 6.69 -37.83 -25.94
C ASP B 213 6.00 -38.14 -24.62
N SER B 214 5.85 -37.13 -23.78
CA SER B 214 5.23 -37.31 -22.48
C SER B 214 4.55 -36.01 -22.06
N LEU B 215 3.64 -36.13 -21.08
CA LEU B 215 3.01 -34.94 -20.53
C LEU B 215 4.03 -34.03 -19.86
N HIS B 216 5.03 -34.61 -19.20
CA HIS B 216 6.07 -33.81 -18.56
C HIS B 216 6.94 -33.10 -19.58
N LEU B 217 7.17 -33.73 -20.74
CA LEU B 217 7.93 -33.06 -21.80
C LEU B 217 7.15 -31.92 -22.41
N THR B 218 5.85 -32.12 -22.63
CA THR B 218 5.03 -31.09 -23.25
C THR B 218 4.92 -29.85 -22.36
N MET B 219 4.75 -30.05 -21.04
CA MET B 219 4.71 -28.91 -20.14
C MET B 219 6.05 -28.18 -20.11
N LEU B 220 7.15 -28.92 -20.15
CA LEU B 220 8.46 -28.28 -20.18
C LEU B 220 8.68 -27.51 -21.48
N LYS B 221 8.07 -27.97 -22.58
CA LYS B 221 8.12 -27.20 -23.82
C LYS B 221 7.51 -25.82 -23.64
N HIS B 222 6.35 -25.77 -22.98
CA HIS B 222 5.69 -24.48 -22.76
C HIS B 222 6.45 -23.63 -21.75
N ILE B 223 7.05 -24.26 -20.74
CA ILE B 223 7.72 -23.52 -19.69
C ILE B 223 8.88 -22.69 -20.26
N LEU B 224 9.67 -23.30 -21.14
CA LEU B 224 10.75 -22.55 -21.78
C LEU B 224 10.21 -21.43 -22.65
N LYS B 225 9.06 -21.66 -23.31
CA LYS B 225 8.45 -20.60 -24.10
C LYS B 225 7.96 -19.46 -23.23
N ILE B 226 7.40 -19.78 -22.05
CA ILE B 226 6.90 -18.74 -21.16
C ILE B 226 8.06 -17.89 -20.64
N ILE B 227 9.17 -18.53 -20.27
CA ILE B 227 10.33 -17.79 -19.77
C ILE B 227 10.91 -16.90 -20.85
N ILE B 228 10.85 -17.34 -22.11
CA ILE B 228 11.30 -16.49 -23.22
C ILE B 228 10.46 -15.23 -23.29
N CYS B 229 9.15 -15.35 -23.09
CA CYS B 229 8.27 -14.18 -23.15
C CYS B 229 8.55 -13.21 -22.01
N LEU B 230 8.91 -13.74 -20.83
CA LEU B 230 9.21 -12.87 -19.71
C LEU B 230 10.50 -12.09 -19.93
N VAL B 231 11.49 -12.70 -20.61
CA VAL B 231 12.70 -11.97 -20.96
C VAL B 231 12.39 -10.84 -21.93
N HIS B 232 11.35 -11.00 -22.75
CA HIS B 232 10.97 -9.99 -23.72
C HIS B 232 10.13 -8.86 -23.12
N LEU B 233 9.82 -8.92 -21.83
CA LEU B 233 9.11 -7.81 -21.21
C LEU B 233 9.95 -6.54 -21.19
N GLU B 234 11.27 -6.69 -21.18
CA GLU B 234 12.18 -5.56 -21.24
C GLU B 234 11.99 -4.71 -22.49
N ASP B 235 11.46 -5.30 -23.56
CA ASP B 235 11.35 -4.56 -24.83
C ASP B 235 10.44 -3.35 -24.71
N HIS B 236 9.42 -3.42 -23.86
CA HIS B 236 8.50 -2.29 -23.70
C HIS B 236 9.15 -1.08 -23.05
N LEU B 237 10.33 -1.24 -22.44
CA LEU B 237 11.04 -0.15 -21.82
C LEU B 237 12.25 0.31 -22.63
N THR B 238 13.08 -0.64 -23.09
CA THR B 238 14.27 -0.26 -23.85
C THR B 238 13.91 0.31 -25.21
N ASP B 239 13.04 -0.39 -25.95
CA ASP B 239 12.64 0.03 -27.28
C ASP B 239 11.23 0.59 -27.35
N TYR B 240 10.45 0.51 -26.27
CA TYR B 240 9.09 1.04 -26.21
C TYR B 240 8.21 0.43 -27.30
N SER B 241 8.40 -0.86 -27.57
CA SER B 241 7.62 -1.54 -28.59
C SER B 241 6.21 -1.82 -28.08
N THR B 242 5.22 -1.53 -28.92
CA THR B 242 3.82 -1.78 -28.60
C THR B 242 3.35 -3.15 -29.08
N LYS B 243 4.26 -3.98 -29.57
CA LYS B 243 3.87 -5.27 -30.13
C LYS B 243 3.38 -6.21 -29.04
N THR B 244 2.25 -6.85 -29.29
CA THR B 244 1.66 -7.81 -28.37
C THR B 244 2.01 -9.26 -28.72
N SER B 245 3.02 -9.46 -29.57
CA SER B 245 3.38 -10.80 -30.02
C SER B 245 3.80 -11.68 -28.85
N HIS B 246 4.84 -11.28 -28.12
CA HIS B 246 5.31 -12.07 -27.00
C HIS B 246 4.32 -12.06 -25.85
N LEU B 247 3.51 -11.01 -25.72
CA LEU B 247 2.49 -10.99 -24.69
C LEU B 247 1.33 -11.93 -25.03
N ASP B 248 1.04 -12.12 -26.32
CA ASP B 248 0.01 -13.07 -26.71
C ASP B 248 0.51 -14.51 -26.55
N GLU B 249 1.78 -14.76 -26.81
CA GLU B 249 2.34 -16.09 -26.59
C GLU B 249 2.28 -16.48 -25.12
N LEU B 250 2.58 -15.54 -24.24
CA LEU B 250 2.59 -15.83 -22.81
C LEU B 250 1.19 -16.17 -22.30
N ILE B 251 0.18 -15.51 -22.85
CA ILE B 251 -1.21 -15.82 -22.49
C ILE B 251 -1.58 -17.20 -23.01
N GLU B 252 -1.24 -17.48 -24.26
CA GLU B 252 -1.66 -18.74 -24.89
C GLU B 252 -0.95 -19.93 -24.26
N ASN B 253 0.34 -19.79 -23.93
CA ASN B 253 1.08 -20.90 -23.36
C ASN B 253 0.61 -21.20 -21.93
N ALA B 254 0.29 -20.16 -21.17
CA ALA B 254 -0.25 -20.37 -19.82
C ALA B 254 -1.61 -21.05 -19.88
N ASN B 255 -2.45 -20.67 -20.83
CA ASN B 255 -3.75 -21.32 -20.98
C ASN B 255 -3.61 -22.80 -21.32
N SER B 256 -2.60 -23.14 -22.13
CA SER B 256 -2.37 -24.54 -22.44
C SER B 256 -1.87 -25.30 -21.23
N VAL B 257 -1.10 -24.66 -20.36
CA VAL B 257 -0.54 -25.34 -19.19
C VAL B 257 -1.61 -25.57 -18.14
N ASN B 258 -2.53 -24.61 -17.99
CA ASN B 258 -3.55 -24.72 -16.94
C ASN B 258 -4.40 -25.98 -17.12
N GLY B 259 -4.62 -26.41 -18.36
CA GLY B 259 -5.33 -27.65 -18.59
C GLY B 259 -4.49 -28.90 -18.36
N ILE B 260 -3.16 -28.74 -18.33
CA ILE B 260 -2.29 -29.89 -18.12
C ILE B 260 -2.14 -30.21 -16.63
N PHE B 261 -2.26 -29.21 -15.77
CA PHE B 261 -2.14 -29.43 -14.33
C PHE B 261 -3.06 -30.53 -13.80
N PRO B 262 -4.33 -30.65 -14.20
CA PRO B 262 -5.14 -31.76 -13.69
C PRO B 262 -4.65 -33.13 -14.13
N GLN B 263 -3.99 -33.22 -15.30
CA GLN B 263 -3.62 -34.54 -15.83
C GLN B 263 -2.42 -35.13 -15.11
N LEU B 264 -1.40 -34.32 -14.82
CA LEU B 264 -0.18 -34.82 -14.20
C LEU B 264 -0.02 -34.26 -12.79
N GLN B 265 0.78 -34.96 -11.98
CA GLN B 265 1.12 -34.54 -10.63
C GLN B 265 2.63 -34.41 -10.54
N LEU B 266 3.10 -33.24 -10.13
CA LEU B 266 4.53 -32.92 -10.10
C LEU B 266 5.03 -32.90 -8.67
N SER B 267 6.13 -33.60 -8.43
CA SER B 267 6.81 -33.59 -7.13
C SER B 267 8.29 -33.30 -7.37
N PRO B 268 8.81 -32.17 -6.93
CA PRO B 268 10.21 -31.85 -7.18
C PRO B 268 11.12 -32.59 -6.22
N PRO B 269 12.42 -32.67 -6.53
CA PRO B 269 13.35 -33.27 -5.57
C PRO B 269 13.28 -32.60 -4.22
N LYS B 270 13.25 -33.42 -3.17
CA LYS B 270 13.16 -32.90 -1.81
C LYS B 270 14.37 -32.03 -1.50
N GLY B 271 14.11 -30.82 -1.01
CA GLY B 271 15.17 -29.88 -0.72
C GLY B 271 15.56 -28.97 -1.86
N ALA B 272 14.94 -29.12 -3.03
CA ALA B 272 15.24 -28.23 -4.15
C ALA B 272 14.84 -26.78 -3.81
N PHE B 273 13.70 -26.61 -3.16
CA PHE B 273 13.22 -25.30 -2.73
C PHE B 273 13.02 -25.37 -1.22
N SER B 274 13.76 -24.54 -0.49
CA SER B 274 13.75 -24.61 0.96
C SER B 274 14.17 -23.27 1.53
N THR B 275 14.01 -23.14 2.85
CA THR B 275 14.50 -21.99 3.61
C THR B 275 15.99 -22.10 3.90
N TYR B 276 16.73 -22.89 3.12
CA TYR B 276 18.14 -23.11 3.38
C TYR B 276 18.95 -21.82 3.24
N ILE B 277 18.58 -20.98 2.28
CA ILE B 277 19.38 -19.78 2.02
C ILE B 277 19.28 -18.80 3.17
N GLN B 278 18.17 -18.83 3.92
CA GLN B 278 18.01 -17.92 5.04
C GLN B 278 18.93 -18.29 6.20
N LYS B 279 19.23 -19.58 6.36
CA LYS B 279 20.01 -20.09 7.48
C LYS B 279 21.51 -19.97 7.29
N HIS B 280 22.00 -19.96 6.05
CA HIS B 280 23.43 -19.97 5.82
C HIS B 280 23.98 -18.72 5.16
N ARG B 281 23.20 -18.05 4.32
CA ARG B 281 23.67 -16.82 3.69
C ARG B 281 23.40 -15.63 4.61
N SER B 282 24.18 -14.57 4.40
CA SER B 282 24.04 -13.33 5.17
C SER B 282 22.60 -12.85 5.14
N ASN B 283 22.00 -12.75 6.33
CA ASN B 283 20.59 -12.39 6.46
C ASN B 283 20.42 -11.49 7.67
N GLN B 284 19.87 -10.29 7.44
CA GLN B 284 19.64 -9.33 8.51
C GLN B 284 18.15 -9.22 8.86
N PHE B 285 17.35 -10.20 8.46
CA PHE B 285 15.91 -10.20 8.66
C PHE B 285 15.50 -11.49 9.33
N PRO B 286 14.38 -11.49 10.06
CA PRO B 286 13.94 -12.71 10.75
C PRO B 286 13.61 -13.81 9.75
N PRO B 287 13.67 -15.07 10.19
CA PRO B 287 13.26 -16.17 9.30
C PRO B 287 11.79 -16.10 8.97
N ARG B 288 11.45 -16.56 7.77
CA ARG B 288 10.07 -16.49 7.28
C ARG B 288 9.74 -17.78 6.54
N LYS B 289 8.58 -18.34 6.85
CA LYS B 289 8.13 -19.56 6.20
C LYS B 289 7.81 -19.29 4.73
N ILE B 290 7.69 -20.37 3.96
CA ILE B 290 7.36 -20.28 2.54
C ILE B 290 5.85 -20.30 2.40
N THR B 291 5.29 -19.20 1.89
CA THR B 291 3.86 -19.11 1.70
C THR B 291 3.38 -20.12 0.66
N LYS B 292 2.13 -20.54 0.80
CA LYS B 292 1.57 -21.49 -0.16
C LYS B 292 1.57 -20.90 -1.56
N LEU B 293 2.00 -21.70 -2.53
CA LEU B 293 2.20 -21.26 -3.90
C LEU B 293 0.91 -21.37 -4.70
N PRO B 294 0.81 -20.61 -5.79
CA PRO B 294 -0.35 -20.75 -6.67
C PRO B 294 -0.47 -22.15 -7.24
N THR B 295 -1.69 -22.53 -7.58
CA THR B 295 -1.97 -23.85 -8.14
C THR B 295 -2.13 -23.83 -9.65
N ASP B 296 -2.08 -22.66 -10.28
CA ASP B 296 -2.26 -22.54 -11.72
C ASP B 296 -1.34 -21.47 -12.26
N TYR B 297 -1.37 -21.28 -13.58
CA TYR B 297 -0.61 -20.22 -14.25
C TYR B 297 -1.48 -19.04 -14.62
N SER B 298 -2.57 -18.81 -13.89
CA SER B 298 -3.47 -17.70 -14.21
C SER B 298 -2.82 -16.36 -13.98
N GLY B 299 -1.85 -16.28 -13.07
CA GLY B 299 -1.18 -15.02 -12.81
C GLY B 299 -0.43 -14.48 -14.01
N PHE B 300 0.11 -15.37 -14.84
CA PHE B 300 0.80 -14.93 -16.06
C PHE B 300 -0.18 -14.28 -17.03
N ILE B 301 -1.41 -14.80 -17.10
CA ILE B 301 -2.42 -14.19 -17.96
C ILE B 301 -2.76 -12.80 -17.48
N THR B 302 -2.95 -12.63 -16.17
CA THR B 302 -3.25 -11.31 -15.61
C THR B 302 -2.09 -10.35 -15.86
N LEU B 303 -0.85 -10.82 -15.68
CA LEU B 303 0.30 -9.96 -15.90
C LEU B 303 0.39 -9.51 -17.37
N ALA B 304 0.17 -10.44 -18.29
CA ALA B 304 0.29 -10.10 -19.71
C ALA B 304 -0.84 -9.18 -20.17
N ASN B 305 -2.05 -9.35 -19.62
CA ASN B 305 -3.14 -8.47 -20.01
C ASN B 305 -2.94 -7.06 -19.50
N ASP B 306 -2.43 -6.91 -18.28
CA ASP B 306 -2.21 -5.59 -17.72
C ASP B 306 -1.13 -4.84 -18.49
N VAL B 307 -0.07 -5.53 -18.91
CA VAL B 307 0.97 -4.89 -19.70
C VAL B 307 0.43 -4.51 -21.08
N LYS B 308 -0.42 -5.36 -21.66
CA LYS B 308 -1.05 -5.03 -22.93
C LYS B 308 -1.86 -3.75 -22.82
N THR B 309 -2.55 -3.56 -21.68
CA THR B 309 -3.33 -2.35 -21.47
C THR B 309 -2.43 -1.12 -21.36
N ILE B 310 -1.25 -1.27 -20.77
CA ILE B 310 -0.33 -0.14 -20.63
C ILE B 310 0.09 0.40 -21.99
N LEU B 311 0.32 -0.51 -22.95
CA LEU B 311 0.76 -0.11 -24.28
C LEU B 311 -0.32 0.60 -25.08
N LEU B 312 -1.57 0.59 -24.61
CA LEU B 312 -2.64 1.25 -25.35
C LEU B 312 -2.51 2.76 -25.32
N VAL B 313 -1.89 3.31 -24.28
CA VAL B 313 -1.79 4.76 -24.14
C VAL B 313 -0.92 5.37 -25.23
N ASP B 314 -0.05 4.57 -25.86
CA ASP B 314 0.75 5.07 -26.98
C ASP B 314 -0.10 5.46 -28.18
N LYS B 315 -1.30 4.89 -28.30
CA LYS B 315 -2.19 5.17 -29.41
C LYS B 315 -3.00 6.46 -29.23
N ALA B 316 -2.82 7.15 -28.10
CA ALA B 316 -3.61 8.33 -27.82
C ALA B 316 -3.21 9.47 -28.75
N GLU B 317 -4.22 10.22 -29.22
CA GLU B 317 -4.00 11.35 -30.11
C GLU B 317 -4.24 12.70 -29.45
N SER B 318 -5.03 12.76 -28.39
CA SER B 318 -5.36 14.01 -27.73
C SER B 318 -4.97 13.94 -26.26
N ALA B 319 -4.99 15.11 -25.61
CA ALA B 319 -4.73 15.16 -24.17
C ALA B 319 -5.85 14.50 -23.38
N LEU B 320 -7.09 14.57 -23.89
CA LEU B 320 -8.21 13.94 -23.19
C LEU B 320 -8.10 12.43 -23.18
N GLU B 321 -7.55 11.84 -24.25
CA GLU B 321 -7.41 10.39 -24.28
C GLU B 321 -6.36 9.90 -23.29
N THR B 322 -5.28 10.67 -23.11
CA THR B 322 -4.32 10.34 -22.06
C THR B 322 -4.90 10.61 -20.67
N TYR B 323 -5.71 11.68 -20.56
CA TYR B 323 -6.33 12.02 -19.28
C TYR B 323 -7.31 10.93 -18.85
N GLN B 324 -8.16 10.48 -19.77
CA GLN B 324 -9.14 9.46 -19.42
C GLN B 324 -8.49 8.09 -19.23
N PHE B 325 -7.37 7.83 -19.92
CA PHE B 325 -6.67 6.57 -19.72
C PHE B 325 -6.14 6.46 -18.29
N ALA B 326 -5.55 7.55 -17.78
CA ALA B 326 -5.08 7.57 -16.40
C ALA B 326 -6.22 7.50 -15.40
N LYS B 327 -7.42 7.91 -15.81
CA LYS B 327 -8.59 7.93 -14.94
C LYS B 327 -9.36 6.62 -14.97
N PHE B 328 -8.87 5.59 -15.64
CA PHE B 328 -9.65 4.37 -15.80
C PHE B 328 -8.81 3.09 -15.86
N PHE B 329 -7.53 3.20 -16.25
CA PHE B 329 -6.75 1.98 -16.45
C PHE B 329 -6.51 1.24 -15.15
N ASN B 330 -6.49 1.95 -14.02
CA ASN B 330 -6.22 1.35 -12.72
C ASN B 330 -7.32 1.63 -11.71
N LYS B 331 -8.55 1.89 -12.18
CA LYS B 331 -9.65 2.26 -11.31
C LYS B 331 -10.48 1.07 -10.87
N LEU B 332 -10.82 0.17 -11.79
CA LEU B 332 -11.76 -0.89 -11.47
C LEU B 332 -11.13 -1.93 -10.54
N GLU B 333 -9.86 -2.25 -10.77
CA GLU B 333 -9.14 -3.15 -9.88
C GLU B 333 -7.65 -2.88 -10.01
N GLN B 334 -6.92 -3.12 -8.93
CA GLN B 334 -5.50 -2.80 -8.89
C GLN B 334 -4.72 -3.65 -9.89
N ARG B 335 -3.98 -2.98 -10.77
CA ARG B 335 -3.22 -3.68 -11.80
C ARG B 335 -2.00 -4.37 -11.20
N HIS B 336 -1.40 -5.25 -12.00
CA HIS B 336 -0.17 -5.93 -11.59
C HIS B 336 0.94 -4.91 -11.36
N VAL B 337 1.79 -5.18 -10.38
CA VAL B 337 2.81 -4.21 -9.99
C VAL B 337 3.80 -3.98 -11.12
N ILE B 338 4.03 -4.98 -11.97
CA ILE B 338 4.91 -4.79 -13.12
C ILE B 338 4.33 -3.75 -14.07
N ALA B 339 3.03 -3.86 -14.34
CA ALA B 339 2.38 -2.89 -15.22
C ALA B 339 2.24 -1.54 -14.55
N ARG B 340 2.02 -1.50 -13.24
CA ARG B 340 1.90 -0.23 -12.53
C ARG B 340 3.22 0.52 -12.48
N ILE B 341 4.34 -0.21 -12.46
CA ILE B 341 5.64 0.44 -12.57
C ILE B 341 5.92 0.83 -14.02
N LEU B 342 5.54 -0.03 -14.97
CA LEU B 342 5.90 0.18 -16.37
C LEU B 342 5.18 1.37 -16.96
N PHE B 343 4.01 1.74 -16.43
CA PHE B 343 3.22 2.81 -17.06
C PHE B 343 3.88 4.17 -16.94
N PRO B 344 4.28 4.65 -15.75
CA PRO B 344 4.95 5.96 -15.70
C PRO B 344 6.27 6.00 -16.45
N LEU B 345 6.97 4.86 -16.54
CA LEU B 345 8.19 4.80 -17.34
C LEU B 345 7.89 4.75 -18.83
N PHE B 346 6.76 4.13 -19.22
CA PHE B 346 6.34 4.14 -20.61
C PHE B 346 5.72 5.47 -21.00
N PHE B 347 5.01 6.09 -20.07
CA PHE B 347 4.39 7.39 -20.33
C PHE B 347 5.43 8.50 -20.34
N ILE B 348 6.18 8.62 -19.25
CA ILE B 348 7.28 9.58 -19.14
C ILE B 348 8.56 8.87 -19.55
N ARG B 349 9.10 9.23 -20.71
CA ARG B 349 10.16 8.47 -21.35
C ARG B 349 11.53 9.09 -21.07
N ASP B 350 12.57 8.45 -21.62
CA ASP B 350 13.94 8.79 -21.27
C ASP B 350 14.37 10.12 -21.88
N ASP B 351 13.91 10.42 -23.09
CA ASP B 351 14.30 11.64 -23.78
C ASP B 351 13.53 12.87 -23.30
N ARG B 352 13.01 12.83 -22.08
CA ARG B 352 12.24 13.94 -21.50
C ARG B 352 11.09 14.36 -22.41
N THR B 353 10.35 13.36 -22.90
CA THR B 353 9.16 13.58 -23.70
C THR B 353 8.06 12.64 -23.22
N VAL B 354 6.83 13.09 -23.32
CA VAL B 354 5.67 12.29 -22.92
C VAL B 354 5.23 11.49 -24.14
N LEU B 355 5.36 10.16 -24.05
CA LEU B 355 4.98 9.23 -25.11
C LEU B 355 5.77 9.46 -26.40
N GLY B 356 6.89 10.17 -26.32
CA GLY B 356 7.72 10.43 -27.48
C GLY B 356 7.17 11.43 -28.46
N LYS B 357 6.04 12.06 -28.18
CA LYS B 357 5.44 13.05 -29.07
C LYS B 357 5.51 14.47 -28.53
N PHE B 358 5.32 14.66 -27.23
CA PHE B 358 5.18 15.98 -26.64
C PHE B 358 6.24 16.21 -25.58
N SER B 359 6.69 17.46 -25.48
CA SER B 359 7.53 17.85 -24.36
C SER B 359 6.67 18.08 -23.12
N TYR B 360 7.34 18.29 -21.98
CA TYR B 360 6.62 18.45 -20.73
C TYR B 360 5.72 19.68 -20.77
N THR B 361 6.20 20.77 -21.39
CA THR B 361 5.39 21.98 -21.49
C THR B 361 4.32 21.86 -22.56
N GLN B 362 4.64 21.20 -23.68
CA GLN B 362 3.63 20.99 -24.72
C GLN B 362 2.48 20.15 -24.20
N PHE B 363 2.79 19.09 -23.45
CA PHE B 363 1.75 18.18 -22.96
C PHE B 363 0.82 18.89 -21.97
N TYR B 364 1.34 19.82 -21.18
CA TYR B 364 0.50 20.58 -20.28
C TYR B 364 -0.40 21.55 -21.05
N LEU B 365 0.18 22.27 -22.01
CA LEU B 365 -0.59 23.23 -22.80
C LEU B 365 -1.70 22.56 -23.60
N LEU B 366 -1.57 21.27 -23.89
CA LEU B 366 -2.66 20.54 -24.55
C LEU B 366 -3.87 20.43 -23.63
N HIS B 367 -3.63 20.06 -22.37
CA HIS B 367 -4.73 19.88 -21.42
C HIS B 367 -5.50 21.17 -21.23
N VAL B 368 -4.80 22.31 -21.14
CA VAL B 368 -5.48 23.59 -20.99
C VAL B 368 -6.22 23.96 -22.28
N LYS B 369 -5.62 23.67 -23.43
CA LYS B 369 -6.26 24.00 -24.70
C LYS B 369 -7.54 23.20 -24.92
N GLU B 370 -7.50 21.90 -24.63
CA GLU B 370 -8.65 21.04 -24.86
C GLU B 370 -9.75 21.24 -23.82
N PHE B 371 -9.42 21.81 -22.65
CA PHE B 371 -10.42 22.06 -21.62
C PHE B 371 -10.98 23.46 -21.69
N SER B 372 -10.16 24.46 -22.04
CA SER B 372 -10.60 25.84 -22.09
C SER B 372 -10.93 26.30 -23.51
N ALA B 373 -10.55 25.55 -24.53
CA ALA B 373 -10.81 25.88 -25.93
C ALA B 373 -10.24 27.25 -26.29
N GLN B 374 -9.04 27.55 -25.77
CA GLN B 374 -8.39 28.84 -26.01
C GLN B 374 -6.90 28.63 -26.18
N THR B 375 -6.30 29.43 -27.07
CA THR B 375 -4.88 29.40 -27.35
C THR B 375 -4.26 30.77 -27.13
N PRO B 376 -3.07 30.84 -26.52
CA PRO B 376 -2.41 32.11 -26.21
C PRO B 376 -1.54 32.63 -27.36
N GLY B 384 7.07 29.56 -21.76
CA GLY B 384 7.97 28.68 -21.06
C GLY B 384 8.58 29.29 -19.81
N ASN B 385 7.72 29.82 -18.94
CA ASN B 385 8.17 30.42 -17.70
C ASN B 385 8.12 29.40 -16.56
N GLU B 386 8.41 29.86 -15.34
CA GLU B 386 8.50 28.94 -14.21
C GLU B 386 7.13 28.42 -13.80
N LEU B 387 6.10 29.26 -13.89
CA LEU B 387 4.75 28.82 -13.50
C LEU B 387 4.24 27.72 -14.41
N ILE B 388 4.45 27.86 -15.72
CA ILE B 388 4.05 26.81 -16.66
C ILE B 388 4.90 25.56 -16.46
N GLN B 389 6.19 25.75 -16.17
CA GLN B 389 7.08 24.61 -15.95
C GLN B 389 6.70 23.86 -14.69
N GLU B 390 6.37 24.58 -13.62
CA GLU B 390 5.97 23.93 -12.36
C GLU B 390 4.63 23.24 -12.51
N SER B 391 3.72 23.81 -13.30
CA SER B 391 2.43 23.17 -13.54
C SER B 391 2.57 21.92 -14.38
N SER B 392 3.49 21.94 -15.34
CA SER B 392 3.73 20.75 -16.16
C SER B 392 4.25 19.60 -15.32
N ASN B 393 5.18 19.89 -14.39
CA ASN B 393 5.65 18.86 -13.47
C ASN B 393 4.54 18.41 -12.53
N MET B 394 3.64 19.33 -12.14
CA MET B 394 2.53 18.96 -11.29
C MET B 394 1.56 18.01 -11.99
N LEU B 395 1.30 18.26 -13.28
CA LEU B 395 0.39 17.40 -14.04
C LEU B 395 0.97 16.00 -14.21
N LEU B 396 2.29 15.90 -14.40
CA LEU B 396 2.90 14.59 -14.59
C LEU B 396 2.86 13.76 -13.30
N GLU B 397 3.07 14.42 -12.16
CA GLU B 397 2.95 13.71 -10.89
C GLU B 397 1.51 13.25 -10.64
N TRP B 398 0.54 13.96 -11.20
CA TRP B 398 -0.84 13.49 -11.14
C TRP B 398 -1.02 12.21 -11.95
N TYR B 399 -0.43 12.16 -13.15
CA TYR B 399 -0.49 10.94 -13.95
C TYR B 399 0.20 9.78 -13.25
N GLN B 400 1.34 10.05 -12.60
CA GLN B 400 2.10 8.98 -11.96
C GLN B 400 1.37 8.42 -10.74
N ASN B 401 0.56 9.23 -10.08
CA ASN B 401 -0.18 8.76 -8.92
C ASN B 401 -1.29 7.79 -9.30
N CYS B 402 -1.76 7.84 -10.54
CA CYS B 402 -2.86 6.97 -10.96
C CYS B 402 -2.45 5.50 -10.94
N SER B 403 -1.17 5.21 -11.08
CA SER B 403 -0.67 3.84 -11.11
C SER B 403 -0.28 3.33 -9.73
N GLN B 404 -0.53 4.10 -8.67
CA GLN B 404 -0.24 3.62 -7.33
C GLN B 404 -1.34 2.65 -6.88
N ASN B 405 -1.06 1.94 -5.78
CA ASN B 405 -2.03 0.98 -5.27
C ASN B 405 -3.23 1.71 -4.67
N THR B 406 -4.23 0.92 -4.26
CA THR B 406 -5.51 1.49 -3.84
C THR B 406 -5.36 2.37 -2.61
N CYS B 407 -4.36 2.11 -1.77
CA CYS B 407 -4.14 2.93 -0.58
C CYS B 407 -3.28 4.15 -0.90
N ARG B 408 -2.14 3.96 -1.55
CA ARG B 408 -1.27 5.08 -1.92
C ARG B 408 -1.95 6.03 -2.90
N TYR B 409 -2.98 5.58 -3.60
CA TYR B 409 -3.68 6.45 -4.54
C TYR B 409 -4.32 7.64 -3.82
N ARG B 410 -4.98 7.38 -2.69
CA ARG B 410 -5.59 8.46 -1.94
C ARG B 410 -4.53 9.28 -1.19
N GLN B 411 -3.46 8.65 -0.74
CA GLN B 411 -2.41 9.38 -0.04
C GLN B 411 -1.72 10.38 -0.95
N GLY B 412 -1.66 10.10 -2.25
CA GLY B 412 -1.02 11.02 -3.17
C GLY B 412 -1.74 12.34 -3.32
N PHE B 413 -3.04 12.39 -3.05
CA PHE B 413 -3.77 13.63 -3.18
C PHE B 413 -3.45 14.61 -2.04
N ASN B 414 -3.06 14.10 -0.88
CA ASN B 414 -2.67 14.97 0.23
C ASN B 414 -1.61 15.97 -0.21
N ARG B 415 -0.62 15.51 -0.98
CA ARG B 415 0.40 16.42 -1.49
C ARG B 415 -0.15 17.31 -2.60
N GLN B 416 -1.00 16.74 -3.46
CA GLN B 416 -1.46 17.49 -4.63
C GLN B 416 -2.37 18.65 -4.24
N LEU B 417 -3.29 18.43 -3.29
CA LEU B 417 -4.30 19.44 -2.98
C LEU B 417 -3.65 20.74 -2.50
N ILE B 418 -2.65 20.64 -1.63
CA ILE B 418 -2.01 21.85 -1.13
C ILE B 418 -1.11 22.47 -2.19
N LEU B 419 -0.63 21.67 -3.14
CA LEU B 419 0.23 22.20 -4.19
C LEU B 419 -0.57 22.82 -5.33
N TRP B 420 -1.72 22.23 -5.65
CA TRP B 420 -2.63 22.85 -6.62
C TRP B 420 -3.12 24.20 -6.12
N ASP B 421 -3.51 24.26 -4.84
CA ASP B 421 -4.02 25.51 -4.28
C ASP B 421 -2.93 26.59 -4.27
N SER B 422 -1.71 26.23 -3.90
CA SER B 422 -0.59 27.16 -3.99
C SER B 422 -0.37 27.60 -5.43
N LEU B 423 -0.50 26.65 -6.37
CA LEU B 423 -0.28 26.97 -7.78
C LEU B 423 -1.38 27.88 -8.31
N GLN B 424 -2.62 27.66 -7.88
CA GLN B 424 -3.72 28.51 -8.33
C GLN B 424 -3.58 29.93 -7.78
N ALA B 425 -3.21 30.06 -6.50
CA ALA B 425 -3.02 31.38 -5.92
C ALA B 425 -1.90 32.14 -6.60
N GLN B 426 -0.86 31.44 -7.05
CA GLN B 426 0.21 32.11 -7.78
C GLN B 426 -0.25 32.57 -9.16
N PHE B 427 -1.13 31.79 -9.80
CA PHE B 427 -1.69 32.20 -11.08
C PHE B 427 -2.59 33.41 -10.93
N GLU B 428 -3.33 33.50 -9.82
CA GLU B 428 -4.23 34.63 -9.61
C GLU B 428 -3.46 35.92 -9.36
N SER B 429 -2.30 35.83 -8.70
CA SER B 429 -1.50 37.03 -8.45
C SER B 429 -1.00 37.64 -9.76
N VAL B 430 -0.74 36.80 -10.77
CA VAL B 430 -0.35 37.29 -12.08
C VAL B 430 -1.55 37.53 -12.99
N ASN B 431 -2.76 37.17 -12.54
CA ASN B 431 -3.99 37.41 -13.29
C ASN B 431 -3.99 36.63 -14.61
N SER B 432 -3.40 35.44 -14.60
CA SER B 432 -3.46 34.52 -15.74
C SER B 432 -4.64 33.59 -15.49
N GLN B 433 -5.83 34.06 -15.88
CA GLN B 433 -7.07 33.41 -15.47
C GLN B 433 -7.38 32.13 -16.24
N VAL B 434 -6.84 31.98 -17.45
CA VAL B 434 -7.08 30.74 -18.21
C VAL B 434 -6.40 29.57 -17.53
N TYR B 435 -5.14 29.75 -17.12
CA TYR B 435 -4.45 28.70 -16.38
C TYR B 435 -4.98 28.58 -14.96
N CYS B 436 -5.38 29.70 -14.36
CA CYS B 436 -5.95 29.67 -13.01
C CYS B 436 -7.23 28.82 -12.97
N SER B 437 -8.02 28.87 -14.04
CA SER B 437 -9.26 28.10 -14.08
C SER B 437 -8.96 26.60 -14.18
N TRP B 438 -8.01 26.22 -15.02
CA TRP B 438 -7.68 24.80 -15.17
C TRP B 438 -7.09 24.24 -13.88
N THR B 439 -6.21 25.00 -13.22
CA THR B 439 -5.69 24.57 -11.93
C THR B 439 -6.82 24.41 -10.92
N TYR B 440 -7.82 25.30 -10.97
CA TYR B 440 -8.96 25.19 -10.06
C TYR B 440 -9.80 23.95 -10.38
N PHE B 441 -9.91 23.60 -11.67
CA PHE B 441 -10.62 22.39 -12.04
C PHE B 441 -9.90 21.14 -11.54
N MET B 442 -8.58 21.08 -11.76
CA MET B 442 -7.81 19.92 -11.31
C MET B 442 -7.83 19.80 -9.79
N LYS B 443 -7.78 20.93 -9.09
CA LYS B 443 -7.80 20.90 -7.63
C LYS B 443 -9.16 20.43 -7.12
N LEU B 444 -10.24 21.06 -7.59
CA LEU B 444 -11.56 20.70 -7.11
C LEU B 444 -11.96 19.29 -7.54
N SER B 445 -11.48 18.84 -8.70
CA SER B 445 -11.71 17.45 -9.09
C SER B 445 -10.99 16.49 -8.14
N SER B 446 -9.75 16.82 -7.78
CA SER B 446 -8.99 15.96 -6.88
C SER B 446 -9.53 16.02 -5.46
N MET B 447 -10.08 17.16 -5.03
CA MET B 447 -10.71 17.23 -3.73
C MET B 447 -11.89 16.28 -3.63
N ILE B 448 -12.72 16.23 -4.67
CA ILE B 448 -13.84 15.31 -4.71
C ILE B 448 -13.35 13.87 -4.75
N GLU B 449 -12.34 13.60 -5.58
CA GLU B 449 -11.80 12.25 -5.70
C GLU B 449 -11.19 11.79 -4.37
N PHE B 450 -10.38 12.66 -3.76
CA PHE B 450 -9.76 12.32 -2.48
C PHE B 450 -10.80 12.04 -1.40
N SER B 451 -11.94 12.73 -1.45
CA SER B 451 -12.95 12.55 -0.42
C SER B 451 -13.75 11.28 -0.63
N LEU B 452 -14.20 11.03 -1.87
CA LEU B 452 -14.97 9.83 -2.14
C LEU B 452 -14.14 8.56 -2.08
N LYS B 453 -12.82 8.66 -2.24
CA LYS B 453 -11.96 7.48 -2.15
C LYS B 453 -11.93 6.92 -0.74
N GLY B 454 -12.14 7.77 0.27
CA GLY B 454 -12.13 7.30 1.65
C GLY B 454 -13.22 6.29 1.95
N PHE B 455 -14.33 6.35 1.22
CA PHE B 455 -15.37 5.34 1.39
C PHE B 455 -14.91 3.99 0.83
N ASP B 456 -14.15 4.02 -0.26
CA ASP B 456 -13.65 2.78 -0.85
C ASP B 456 -12.69 2.06 0.09
N LEU B 457 -11.97 2.82 0.91
CA LEU B 457 -10.96 2.27 1.81
C LEU B 457 -11.48 2.07 3.23
N ASP B 458 -12.79 2.20 3.45
CA ASP B 458 -13.40 2.06 4.77
C ASP B 458 -12.78 3.01 5.78
N ILE B 459 -12.38 4.20 5.33
CA ILE B 459 -11.78 5.19 6.22
C ILE B 459 -12.84 5.78 7.13
N TYR B 460 -13.99 6.15 6.57
CA TYR B 460 -15.05 6.82 7.30
C TYR B 460 -15.95 5.81 7.99
N LYS B 461 -16.25 6.09 9.26
CA LYS B 461 -17.22 5.31 10.01
C LYS B 461 -18.63 5.72 9.61
N PRO B 462 -19.64 4.89 9.93
CA PRO B 462 -21.01 5.23 9.54
C PRO B 462 -21.50 6.59 10.03
N PHE B 463 -21.08 7.03 11.21
CA PHE B 463 -21.55 8.31 11.72
C PHE B 463 -20.91 9.50 11.02
N GLU B 464 -19.76 9.30 10.38
CA GLU B 464 -19.13 10.34 9.58
C GLU B 464 -19.62 10.37 8.14
N ALA B 465 -20.60 9.53 7.80
CA ALA B 465 -21.05 9.43 6.41
C ALA B 465 -21.72 10.72 5.95
N TYR B 466 -22.55 11.32 6.80
CA TYR B 466 -23.21 12.57 6.43
C TYR B 466 -22.19 13.68 6.19
N SER B 467 -21.19 13.80 7.06
CA SER B 467 -20.20 14.86 6.93
C SER B 467 -19.47 14.78 5.60
N MET B 468 -19.02 13.58 5.22
CA MET B 468 -18.26 13.44 3.99
C MET B 468 -19.17 13.51 2.76
N PHE B 469 -20.35 12.90 2.84
CA PHE B 469 -21.21 12.87 1.67
C PHE B 469 -21.80 14.24 1.36
N TRP B 470 -22.12 15.02 2.39
CA TRP B 470 -22.60 16.38 2.14
C TRP B 470 -21.46 17.29 1.70
N TYR B 471 -20.24 17.06 2.20
CA TYR B 471 -19.11 17.87 1.78
C TYR B 471 -18.81 17.66 0.30
N VAL B 472 -18.83 16.41 -0.15
CA VAL B 472 -18.62 16.14 -1.57
C VAL B 472 -19.76 16.74 -2.40
N TYR B 473 -20.99 16.65 -1.88
CA TYR B 473 -22.12 17.32 -2.52
C TYR B 473 -21.88 18.82 -2.57
N TYR B 474 -21.43 19.41 -1.46
CA TYR B 474 -21.08 20.81 -1.43
C TYR B 474 -20.01 21.13 -2.47
N LEU B 475 -18.97 20.29 -2.55
CA LEU B 475 -17.95 20.49 -3.57
C LEU B 475 -18.48 20.28 -4.97
N SER B 476 -19.35 19.28 -5.15
CA SER B 476 -19.88 19.00 -6.48
C SER B 476 -20.76 20.13 -6.98
N HIS B 477 -21.43 20.85 -6.07
CA HIS B 477 -22.23 22.00 -6.48
C HIS B 477 -21.33 23.13 -7.00
N HIS B 478 -20.17 23.31 -6.38
CA HIS B 478 -19.24 24.34 -6.84
C HIS B 478 -18.57 23.94 -8.15
N LEU B 479 -18.31 22.64 -8.35
CA LEU B 479 -17.71 22.20 -9.60
C LEU B 479 -18.69 22.34 -10.76
N GLU B 480 -19.96 21.99 -10.53
CA GLU B 480 -20.97 22.15 -11.57
C GLU B 480 -21.16 23.62 -11.93
N THR B 481 -21.11 24.50 -10.92
CA THR B 481 -21.21 25.93 -11.17
C THR B 481 -20.04 26.42 -12.01
N PHE B 482 -18.82 26.00 -11.66
CA PHE B 482 -17.66 26.36 -12.45
C PHE B 482 -17.75 25.81 -13.88
N LEU B 483 -18.19 24.56 -14.01
CA LEU B 483 -18.26 23.95 -15.33
C LEU B 483 -19.33 24.58 -16.20
N LYS B 484 -20.47 24.93 -15.62
CA LYS B 484 -21.54 25.53 -16.40
C LYS B 484 -21.18 26.93 -16.88
N ASP B 485 -20.43 27.68 -16.07
CA ASP B 485 -19.95 28.99 -16.50
C ASP B 485 -18.90 28.86 -17.59
N SER B 486 -18.07 27.82 -17.52
CA SER B 486 -17.08 27.58 -18.57
C SER B 486 -17.77 27.26 -19.90
N GLN B 487 -18.88 26.52 -19.85
CA GLN B 487 -19.63 26.23 -21.06
C GLN B 487 -20.38 27.46 -21.55
N ASN B 488 -20.81 28.33 -20.63
CA ASN B 488 -21.46 29.57 -21.05
C ASN B 488 -20.46 30.51 -21.72
N ASP B 489 -19.22 30.55 -21.23
CA ASP B 489 -18.19 31.34 -21.88
C ASP B 489 -17.86 30.78 -23.26
N ILE B 490 -17.85 29.45 -23.39
CA ILE B 490 -17.60 28.83 -24.68
C ILE B 490 -18.81 29.00 -25.60
N GLU B 491 -20.02 28.99 -25.03
CA GLU B 491 -21.21 29.17 -25.85
C GLU B 491 -21.23 30.54 -26.52
N SER B 492 -20.81 31.58 -25.79
CA SER B 492 -20.80 32.92 -26.36
C SER B 492 -19.73 33.06 -27.44
N ASN B 493 -18.62 32.33 -27.31
CA ASN B 493 -17.60 32.35 -28.36
C ASN B 493 -18.10 31.68 -29.63
N ILE B 494 -18.92 30.64 -29.49
CA ILE B 494 -19.51 29.99 -30.66
C ILE B 494 -20.50 30.92 -31.35
N ASN B 495 -21.31 31.64 -30.56
CA ASN B 495 -22.27 32.57 -31.14
C ASN B 495 -21.58 33.76 -31.79
N ALA B 496 -20.42 34.17 -31.27
CA ALA B 496 -19.70 35.28 -31.88
C ALA B 496 -19.26 34.94 -33.30
N ILE B 497 -18.85 33.69 -33.53
CA ILE B 497 -18.52 33.26 -34.88
C ILE B 497 -19.78 33.08 -35.71
N HIS B 498 -20.86 32.62 -35.07
CA HIS B 498 -22.14 32.49 -35.77
C HIS B 498 -22.71 33.86 -36.14
N SER B 499 -22.48 34.88 -35.31
CA SER B 499 -23.00 36.21 -35.62
C SER B 499 -22.25 36.84 -36.78
N MET B 500 -20.97 36.49 -36.97
CA MET B 500 -20.24 36.95 -38.14
C MET B 500 -20.87 36.43 -39.42
N ASN B 501 -21.29 35.16 -39.42
CA ASN B 501 -21.98 34.60 -40.58
C ASN B 501 -23.33 35.27 -40.80
N LYS B 502 -24.01 35.66 -39.72
CA LYS B 502 -25.27 36.39 -39.87
C LYS B 502 -25.03 37.78 -40.44
N LYS B 503 -23.94 38.43 -40.00
CA LYS B 503 -23.64 39.78 -40.48
C LYS B 503 -23.12 39.78 -41.91
N LEU B 504 -22.41 38.73 -42.32
CA LEU B 504 -21.88 38.66 -43.68
C LEU B 504 -22.99 38.56 -44.71
N LYS B 505 -24.08 37.88 -44.37
CA LYS B 505 -25.18 37.72 -45.34
C LYS B 505 -25.84 39.05 -45.62
N LYS B 506 -25.95 39.93 -44.62
CA LYS B 506 -26.55 41.25 -44.81
C LYS B 506 -25.63 42.21 -45.55
N LEU B 507 -24.32 41.94 -45.57
CA LEU B 507 -23.36 42.90 -46.10
C LEU B 507 -23.26 42.81 -47.62
N LYS B 508 -23.20 43.98 -48.25
CA LYS B 508 -22.91 44.07 -49.68
C LYS B 508 -21.43 43.79 -49.93
N ALA B 509 -21.13 43.30 -51.13
CA ALA B 509 -19.75 43.02 -51.51
C ALA B 509 -18.93 44.30 -51.46
N GLY B 510 -17.90 44.31 -50.63
CA GLY B 510 -17.04 45.47 -50.50
C GLY B 510 -15.80 45.13 -49.72
N GLU B 511 -14.99 46.18 -49.47
CA GLU B 511 -13.73 45.97 -48.75
C GLU B 511 -13.98 45.59 -47.29
N LYS B 512 -15.00 46.17 -46.67
CA LYS B 512 -15.28 45.85 -45.28
C LYS B 512 -15.93 44.47 -45.14
N LYS B 513 -16.61 43.99 -46.18
CA LYS B 513 -17.11 42.63 -46.15
C LYS B 513 -15.97 41.62 -46.26
N ASP B 514 -14.91 41.97 -46.99
CA ASP B 514 -13.76 41.09 -47.08
C ASP B 514 -13.05 40.96 -45.74
N GLN B 515 -12.98 42.04 -44.97
CA GLN B 515 -12.39 41.98 -43.65
C GLN B 515 -13.14 41.01 -42.74
N LEU B 516 -14.47 41.04 -42.80
CA LEU B 516 -15.26 40.12 -41.98
C LEU B 516 -15.21 38.70 -42.52
N ARG B 517 -15.24 38.54 -43.84
CA ARG B 517 -15.10 37.22 -44.44
C ARG B 517 -13.72 36.63 -44.15
N LEU B 518 -12.69 37.49 -44.13
CA LEU B 518 -11.34 37.01 -43.82
C LEU B 518 -11.24 36.53 -42.39
N LYS B 519 -11.84 37.27 -41.45
CA LYS B 519 -11.78 36.90 -40.05
C LYS B 519 -12.77 35.79 -39.70
N TYR B 520 -13.87 35.66 -40.47
CA TYR B 520 -14.81 34.59 -40.21
C TYR B 520 -14.21 33.23 -40.56
N ARG B 521 -13.57 33.13 -41.73
CA ARG B 521 -12.93 31.88 -42.12
C ARG B 521 -11.78 31.54 -41.18
N PHE B 522 -10.98 32.54 -40.80
CA PHE B 522 -9.89 32.31 -39.87
C PHE B 522 -10.39 31.74 -38.55
N ALA B 523 -11.44 32.35 -38.00
CA ALA B 523 -12.02 31.83 -36.76
C ALA B 523 -12.71 30.50 -36.99
N MET B 524 -13.29 30.30 -38.18
CA MET B 524 -13.95 29.03 -38.48
C MET B 524 -12.95 27.90 -38.69
N ASP B 525 -11.77 28.22 -39.23
CA ASP B 525 -10.77 27.20 -39.49
C ASP B 525 -9.90 26.90 -38.27
N ASN B 526 -9.72 27.88 -37.38
CA ASN B 526 -8.78 27.74 -36.27
C ASN B 526 -9.41 27.67 -34.89
N GLU B 527 -10.63 28.16 -34.73
CA GLU B 527 -11.26 28.23 -33.42
C GLU B 527 -12.58 27.46 -33.30
N MET B 528 -13.31 27.27 -34.41
CA MET B 528 -14.65 26.72 -34.31
C MET B 528 -14.63 25.24 -33.90
N GLU B 529 -13.70 24.46 -34.45
CA GLU B 529 -13.69 23.03 -34.18
C GLU B 529 -13.43 22.74 -32.71
N GLN B 530 -12.49 23.48 -32.10
CA GLN B 530 -12.15 23.22 -30.71
C GLN B 530 -13.28 23.66 -29.77
N LEU B 531 -13.93 24.78 -30.09
CA LEU B 531 -15.04 25.24 -29.27
C LEU B 531 -16.18 24.23 -29.28
N GLN B 532 -16.43 23.60 -30.43
CA GLN B 532 -17.46 22.56 -30.48
C GLN B 532 -17.04 21.32 -29.70
N ALA B 533 -15.79 20.90 -29.86
CA ALA B 533 -15.32 19.69 -29.18
C ALA B 533 -15.29 19.89 -27.67
N THR B 534 -14.94 21.11 -27.21
CA THR B 534 -14.93 21.37 -25.79
C THR B 534 -16.34 21.52 -25.23
N LYS B 535 -17.26 22.07 -26.03
CA LYS B 535 -18.65 22.18 -25.60
C LYS B 535 -19.25 20.81 -25.34
N GLN B 536 -18.98 19.85 -26.23
CA GLN B 536 -19.48 18.49 -26.04
C GLN B 536 -18.75 17.79 -24.89
N PHE B 537 -17.47 18.09 -24.69
CA PHE B 537 -16.75 17.51 -23.57
C PHE B 537 -17.27 18.03 -22.24
N LEU B 538 -17.62 19.31 -22.17
CA LEU B 538 -18.21 19.86 -20.96
C LEU B 538 -19.61 19.32 -20.70
N ASN B 539 -20.29 18.82 -21.74
CA ASN B 539 -21.56 18.14 -21.54
C ASN B 539 -21.37 16.84 -20.76
N TYR B 540 -20.33 16.07 -21.09
CA TYR B 540 -20.05 14.85 -20.35
C TYR B 540 -19.66 15.14 -18.91
N LEU B 541 -18.83 16.17 -18.69
CA LEU B 541 -18.42 16.50 -17.33
C LEU B 541 -19.61 16.94 -16.49
N LEU B 542 -20.51 17.73 -17.07
CA LEU B 542 -21.68 18.17 -16.31
C LEU B 542 -22.60 16.99 -15.97
N LYS B 543 -22.70 16.02 -16.88
CA LYS B 543 -23.52 14.84 -16.59
C LYS B 543 -22.90 13.98 -15.50
N GLU B 544 -21.57 13.81 -15.54
CA GLU B 544 -20.93 12.98 -14.52
C GLU B 544 -20.96 13.66 -13.15
N ILE B 545 -20.74 14.98 -13.10
CA ILE B 545 -20.71 15.65 -11.81
C ILE B 545 -22.11 15.72 -11.21
N ASN B 546 -23.14 15.85 -12.05
CA ASN B 546 -24.51 15.82 -11.52
C ASN B 546 -24.88 14.43 -11.04
N ILE B 547 -24.37 13.39 -11.71
CA ILE B 547 -24.55 12.02 -11.21
C ILE B 547 -23.86 11.87 -9.86
N THR B 548 -22.60 12.29 -9.78
CA THR B 548 -21.87 12.24 -8.52
C THR B 548 -22.51 13.15 -7.49
N LYS B 549 -23.05 14.29 -7.91
CA LYS B 549 -23.71 15.19 -6.97
C LYS B 549 -25.02 14.60 -6.47
N SER B 550 -25.80 13.99 -7.37
CA SER B 550 -27.09 13.43 -6.97
C SER B 550 -26.91 12.22 -6.05
N LEU B 551 -25.88 11.40 -6.30
CA LEU B 551 -25.63 10.25 -5.44
C LEU B 551 -25.28 10.69 -4.03
N CYS B 552 -24.49 11.74 -3.88
CA CYS B 552 -24.16 12.25 -2.55
C CYS B 552 -25.40 12.75 -1.84
N LEU B 553 -26.28 13.44 -2.56
CA LEU B 553 -27.51 13.94 -1.95
C LEU B 553 -28.42 12.80 -1.51
N ILE B 554 -28.49 11.73 -2.31
CA ILE B 554 -29.26 10.56 -1.91
C ILE B 554 -28.69 9.96 -0.64
N GLU B 555 -27.36 9.93 -0.53
CA GLU B 555 -26.73 9.40 0.68
C GLU B 555 -27.00 10.29 1.88
N VAL B 556 -27.06 11.61 1.67
CA VAL B 556 -27.37 12.51 2.78
C VAL B 556 -28.82 12.34 3.22
N PHE B 557 -29.74 12.19 2.26
CA PHE B 557 -31.13 11.97 2.61
C PHE B 557 -31.32 10.64 3.33
N GLN B 558 -30.55 9.62 2.94
CA GLN B 558 -30.63 8.33 3.62
C GLN B 558 -30.18 8.45 5.07
N PHE B 559 -29.06 9.15 5.29
CA PHE B 559 -28.55 9.35 6.64
C PHE B 559 -29.56 10.11 7.51
N ALA B 560 -30.20 11.13 6.93
CA ALA B 560 -31.16 11.91 7.69
C ALA B 560 -32.36 11.08 8.12
N ILE B 561 -32.83 10.20 7.23
CA ILE B 561 -33.91 9.28 7.59
C ILE B 561 -33.47 8.37 8.73
N LEU B 562 -32.21 7.94 8.70
CA LEU B 562 -31.71 7.07 9.76
C LEU B 562 -31.62 7.80 11.09
N LYS B 563 -31.18 9.07 11.07
CA LYS B 563 -31.14 9.84 12.31
C LYS B 563 -32.54 10.19 12.79
N SER B 564 -33.46 10.46 11.86
CA SER B 564 -34.82 10.80 12.25
C SER B 564 -35.47 9.67 13.06
N PHE B 565 -35.19 8.42 12.69
CA PHE B 565 -35.66 7.29 13.46
C PHE B 565 -34.83 7.03 14.71
N GLY B 566 -33.71 7.73 14.87
CA GLY B 566 -32.88 7.56 16.05
C GLY B 566 -31.91 6.41 15.98
N LEU B 567 -31.52 5.98 14.78
CA LEU B 567 -30.58 4.86 14.65
C LEU B 567 -29.13 5.31 14.61
N ILE B 568 -28.85 6.53 14.15
CA ILE B 568 -27.48 7.00 13.99
C ILE B 568 -27.43 8.50 14.25
N ASP B 569 -26.26 8.98 14.65
CA ASP B 569 -26.01 10.40 14.87
C ASP B 569 -24.79 10.81 14.06
N ASN B 570 -24.61 12.12 13.89
CA ASN B 570 -23.47 12.63 13.13
C ASN B 570 -22.20 12.71 13.97
N LYS B 571 -22.20 12.10 15.15
CA LYS B 571 -21.04 12.02 16.03
C LYS B 571 -20.95 10.60 16.57
N ASN B 572 -19.86 10.33 17.29
CA ASN B 572 -19.72 9.03 17.94
C ASN B 572 -20.75 8.88 19.05
N SER B 573 -21.55 7.82 18.97
CA SER B 573 -22.60 7.60 19.96
C SER B 573 -22.05 7.14 21.30
N THR B 574 -20.95 6.39 21.30
CA THR B 574 -20.39 5.91 22.55
C THR B 574 -19.73 7.06 23.30
N PRO B 575 -20.05 7.26 24.58
CA PRO B 575 -19.44 8.36 25.33
C PRO B 575 -17.98 8.10 25.62
N SER B 576 -17.21 9.19 25.67
CA SER B 576 -15.79 9.13 26.00
C SER B 576 -15.41 10.41 26.71
N LYS B 577 -14.53 10.29 27.70
CA LYS B 577 -14.14 11.39 28.56
C LYS B 577 -12.84 12.07 28.12
N PHE B 578 -12.51 12.01 26.84
CA PHE B 578 -11.22 12.52 26.36
C PHE B 578 -11.36 13.64 25.35
N SER B 579 -12.07 13.42 24.25
CA SER B 579 -12.15 14.39 23.17
C SER B 579 -13.56 14.95 23.06
N ASN B 580 -13.76 15.78 22.04
CA ASN B 580 -15.06 16.36 21.73
C ASN B 580 -15.32 16.26 20.24
N GLU B 581 -16.57 16.53 19.84
CA GLU B 581 -16.96 16.39 18.44
C GLU B 581 -16.25 17.41 17.56
N ARG B 582 -16.05 18.63 18.07
CA ARG B 582 -15.46 19.68 17.24
C ARG B 582 -14.01 19.35 16.89
N LEU B 583 -13.25 18.81 17.85
CA LEU B 583 -11.87 18.43 17.57
C LEU B 583 -11.79 17.27 16.59
N ILE B 584 -12.67 16.28 16.73
CA ILE B 584 -12.66 15.15 15.82
C ILE B 584 -13.10 15.58 14.42
N HIS B 585 -14.05 16.51 14.34
CA HIS B 585 -14.52 16.96 13.03
C HIS B 585 -13.43 17.73 12.29
N ASN B 586 -12.70 18.60 13.00
CA ASN B 586 -11.61 19.34 12.35
C ASN B 586 -10.53 18.39 11.88
N LEU B 587 -10.25 17.33 12.64
CA LEU B 587 -9.23 16.36 12.24
C LEU B 587 -9.61 15.65 10.96
N ARG B 588 -10.89 15.29 10.83
CA ARG B 588 -11.36 14.63 9.61
C ARG B 588 -11.17 15.52 8.39
N PHE B 589 -11.41 16.81 8.54
CA PHE B 589 -11.31 17.77 7.44
C PHE B 589 -10.01 18.57 7.48
N LYS B 590 -8.97 18.04 8.10
CA LYS B 590 -7.69 18.74 8.14
C LYS B 590 -7.09 19.00 6.76
N PRO B 591 -7.09 18.07 5.81
CA PRO B 591 -6.48 18.37 4.50
C PRO B 591 -7.13 19.53 3.76
N PHE B 592 -8.43 19.76 3.96
CA PHE B 592 -9.14 20.83 3.27
C PHE B 592 -9.09 22.15 4.03
N ASN B 593 -8.19 22.28 5.01
CA ASN B 593 -8.20 23.44 5.90
C ASN B 593 -7.53 24.66 5.24
N SER B 594 -6.45 24.44 4.51
CA SER B 594 -5.69 25.53 3.90
C SER B 594 -6.20 25.92 2.52
N ILE B 595 -7.23 25.25 2.01
CA ILE B 595 -7.77 25.54 0.68
C ILE B 595 -8.81 26.65 0.82
N GLY B 596 -8.56 27.77 0.15
CA GLY B 596 -9.41 28.95 0.28
C GLY B 596 -10.67 28.89 -0.56
N VAL B 597 -10.59 28.34 -1.76
CA VAL B 597 -11.72 28.24 -2.67
C VAL B 597 -11.81 26.82 -3.18
N PRO B 598 -12.93 26.10 -2.95
CA PRO B 598 -14.05 26.57 -2.14
C PRO B 598 -13.78 26.42 -0.65
N GLU B 599 -14.21 27.41 0.13
CA GLU B 599 -13.89 27.43 1.56
C GLU B 599 -14.52 26.25 2.28
N LEU B 600 -13.78 25.69 3.23
CA LEU B 600 -14.31 24.60 4.05
C LEU B 600 -15.41 25.15 4.96
N PRO B 601 -16.63 24.60 4.89
CA PRO B 601 -17.70 25.10 5.74
C PRO B 601 -17.39 24.92 7.22
N GLU B 602 -17.90 25.86 8.02
CA GLU B 602 -17.68 25.83 9.46
C GLU B 602 -18.32 24.59 10.08
N TYR B 603 -17.87 24.28 11.30
CA TYR B 603 -18.49 23.19 12.06
C TYR B 603 -19.97 23.44 12.29
N GLU B 604 -20.36 24.71 12.45
CA GLU B 604 -21.77 25.03 12.67
C GLU B 604 -22.60 24.85 11.42
N VAL B 605 -22.01 25.06 10.24
CA VAL B 605 -22.75 24.88 9.00
C VAL B 605 -23.09 23.42 8.79
N PHE B 606 -22.15 22.52 9.12
CA PHE B 606 -22.45 21.09 9.05
C PHE B 606 -23.61 20.72 9.96
N GLN B 607 -23.63 21.28 11.18
CA GLN B 607 -24.68 20.94 12.13
C GLN B 607 -26.02 21.50 11.68
N GLN B 608 -26.04 22.77 11.27
CA GLN B 608 -27.31 23.40 10.89
C GLN B 608 -27.90 22.77 9.64
N THR B 609 -27.04 22.41 8.68
CA THR B 609 -27.54 21.76 7.46
C THR B 609 -28.19 20.42 7.78
N LEU B 610 -27.63 19.69 8.73
CA LEU B 610 -28.19 18.39 9.10
C LEU B 610 -29.60 18.53 9.67
N LYS B 611 -29.84 19.59 10.45
CA LYS B 611 -31.16 19.80 11.03
C LYS B 611 -32.19 20.16 9.97
N ASP B 612 -31.75 20.73 8.85
CA ASP B 612 -32.67 20.97 7.73
C ASP B 612 -33.17 19.66 7.14
N PHE B 613 -32.34 18.63 7.12
CA PHE B 613 -32.72 17.33 6.58
C PHE B 613 -33.41 16.44 7.60
N VAL B 614 -33.03 16.54 8.87
CA VAL B 614 -33.57 15.64 9.90
C VAL B 614 -35.01 16.01 10.20
N ILE B 615 -35.85 14.99 10.33
CA ILE B 615 -37.27 15.15 10.64
C ILE B 615 -37.45 15.02 12.14
N GLU B 616 -37.75 16.13 12.81
CA GLU B 616 -38.04 16.12 14.25
C GLU B 616 -39.53 16.05 14.54
N GLU B 617 -40.37 16.04 13.51
CA GLU B 617 -41.81 15.89 13.71
C GLU B 617 -42.14 14.48 14.20
N LYS B 618 -43.39 14.30 14.62
CA LYS B 618 -43.85 13.01 15.11
C LYS B 618 -45.21 12.69 14.50
N GLY B 619 -45.57 11.41 14.53
CA GLY B 619 -46.90 11.00 14.11
C GLY B 619 -47.14 11.22 12.62
N ALA B 620 -48.34 11.69 12.30
CA ALA B 620 -48.71 11.89 10.91
C ALA B 620 -47.84 12.94 10.23
N ALA B 621 -47.45 13.98 10.98
CA ALA B 621 -46.57 14.99 10.42
C ALA B 621 -45.21 14.39 10.05
N PHE B 622 -44.73 13.44 10.86
CA PHE B 622 -43.49 12.74 10.53
C PHE B 622 -43.64 11.92 9.26
N ASP B 623 -44.78 11.24 9.10
CA ASP B 623 -44.99 10.38 7.95
C ASP B 623 -45.05 11.18 6.65
N ILE B 624 -45.52 12.42 6.70
CA ILE B 624 -45.63 13.23 5.49
C ILE B 624 -44.25 13.66 5.01
N LYS B 625 -43.41 14.17 5.93
CA LYS B 625 -42.08 14.62 5.55
C LYS B 625 -41.17 13.46 5.20
N LEU B 626 -41.40 12.28 5.80
CA LEU B 626 -40.61 11.11 5.45
C LEU B 626 -40.92 10.64 4.03
N GLU B 627 -42.18 10.75 3.62
CA GLU B 627 -42.55 10.31 2.27
C GLU B 627 -41.90 11.18 1.20
N ARG B 628 -41.82 12.50 1.45
CA ARG B 628 -41.16 13.38 0.49
C ARG B 628 -39.67 13.04 0.37
N ALA B 629 -39.05 12.60 1.46
CA ALA B 629 -37.63 12.24 1.41
C ALA B 629 -37.42 10.96 0.63
N THR B 630 -38.24 9.95 0.90
CA THR B 630 -38.11 8.68 0.18
C THR B 630 -38.49 8.84 -1.29
N ASN B 631 -39.54 9.64 -1.56
CA ASN B 631 -39.94 9.87 -2.94
C ASN B 631 -38.82 10.54 -3.73
N PHE B 632 -38.01 11.39 -3.09
CA PHE B 632 -36.88 11.98 -3.77
C PHE B 632 -35.81 10.92 -4.06
N ILE B 633 -35.56 10.03 -3.12
CA ILE B 633 -34.54 8.99 -3.31
C ILE B 633 -34.90 8.10 -4.50
N GLU B 634 -36.14 7.59 -4.52
CA GLU B 634 -36.55 6.71 -5.60
C GLU B 634 -36.59 7.45 -6.93
N THR B 635 -37.01 8.71 -6.92
CA THR B 635 -37.07 9.48 -8.16
C THR B 635 -35.68 9.82 -8.66
N GLU B 636 -34.83 10.34 -7.78
CA GLU B 636 -33.49 10.76 -8.20
C GLU B 636 -32.63 9.57 -8.64
N VAL B 637 -32.86 8.40 -8.05
CA VAL B 637 -32.14 7.20 -8.49
C VAL B 637 -32.45 6.91 -9.94
N ARG B 638 -33.73 6.98 -10.32
CA ARG B 638 -34.10 6.77 -11.72
C ARG B 638 -33.52 7.86 -12.62
N ASN B 639 -33.50 9.10 -12.13
CA ASN B 639 -32.87 10.18 -12.90
C ASN B 639 -31.37 9.98 -13.03
N VAL B 640 -30.74 9.34 -12.03
CA VAL B 640 -29.32 9.01 -12.15
C VAL B 640 -29.14 7.88 -13.15
N VAL B 641 -29.99 6.85 -13.08
CA VAL B 641 -29.90 5.73 -14.03
C VAL B 641 -30.05 6.24 -15.46
N SER B 642 -30.90 7.23 -15.67
CA SER B 642 -31.08 7.78 -17.01
C SER B 642 -29.83 8.52 -17.48
N SER B 643 -29.20 9.27 -16.58
CA SER B 643 -27.98 9.99 -16.96
C SER B 643 -26.82 9.05 -17.20
N ILE B 644 -26.72 7.98 -16.38
CA ILE B 644 -25.70 6.97 -16.63
C ILE B 644 -25.95 6.28 -17.96
N ASP B 645 -27.22 5.97 -18.25
CA ASP B 645 -27.56 5.33 -19.52
C ASP B 645 -27.17 6.21 -20.71
N GLU B 646 -27.42 7.52 -20.61
CA GLU B 646 -27.06 8.41 -21.70
C GLU B 646 -25.55 8.43 -21.93
N ILE B 647 -24.77 8.44 -20.85
CA ILE B 647 -23.32 8.45 -20.97
C ILE B 647 -22.82 7.18 -21.64
N MET B 648 -23.38 6.03 -21.23
CA MET B 648 -22.92 4.76 -21.77
C MET B 648 -23.19 4.66 -23.27
N GLN B 649 -24.25 5.30 -23.76
CA GLN B 649 -24.51 5.31 -25.20
C GLN B 649 -23.46 6.13 -25.94
N GLY B 650 -23.13 7.32 -25.43
CA GLY B 650 -22.11 8.13 -26.07
C GLY B 650 -20.74 7.48 -26.06
N ILE B 651 -20.44 6.70 -25.03
CA ILE B 651 -19.18 5.97 -25.00
C ILE B 651 -19.19 4.87 -26.06
N LYS B 652 -20.33 4.21 -26.24
CA LYS B 652 -20.43 3.18 -27.27
C LYS B 652 -20.42 3.79 -28.66
N GLY B 653 -21.08 4.94 -28.83
CA GLY B 653 -21.17 5.57 -30.13
C GLY B 653 -19.89 6.23 -30.58
N GLY B 654 -19.17 6.84 -29.65
CA GLY B 654 -17.94 7.54 -29.96
C GLY B 654 -18.07 9.04 -29.75
N ASP B 655 -16.98 9.74 -30.03
CA ASP B 655 -16.92 11.19 -29.86
C ASP B 655 -17.33 11.95 -31.11
N ASN B 656 -17.32 11.32 -32.28
CA ASN B 656 -17.62 12.00 -33.52
C ASN B 656 -19.12 12.11 -33.80
N ASN B 657 -19.97 11.80 -32.82
CA ASN B 657 -21.41 11.92 -33.02
C ASN B 657 -21.90 13.36 -32.91
N GLY B 658 -21.20 14.19 -32.15
CA GLY B 658 -21.50 15.60 -32.08
C GLY B 658 -22.33 16.06 -30.91
N VAL B 659 -22.64 15.17 -29.96
CA VAL B 659 -23.43 15.51 -28.77
C VAL B 659 -22.58 15.45 -27.51
N LEU B 660 -21.79 14.39 -27.35
CA LEU B 660 -20.93 14.22 -26.19
C LEU B 660 -19.53 13.88 -26.65
N VAL B 661 -18.55 14.30 -25.85
CA VAL B 661 -17.14 13.96 -26.05
C VAL B 661 -16.61 13.39 -24.75
N THR B 662 -16.22 12.12 -24.75
CA THR B 662 -15.75 11.46 -23.55
C THR B 662 -14.26 11.15 -23.56
N GLY B 663 -13.64 11.01 -24.74
CA GLY B 663 -12.22 10.69 -24.81
C GLY B 663 -11.87 9.36 -24.22
N THR B 664 -12.81 8.42 -24.17
CA THR B 664 -12.61 7.11 -23.55
C THR B 664 -12.30 6.03 -24.59
N ARG B 665 -11.75 6.41 -25.74
CA ARG B 665 -11.51 5.44 -26.80
C ARG B 665 -10.56 4.34 -26.35
N LEU B 666 -9.53 4.70 -25.58
CA LEU B 666 -8.56 3.70 -25.13
C LEU B 666 -9.10 2.86 -23.99
N VAL B 667 -10.03 3.40 -23.19
CA VAL B 667 -10.58 2.69 -22.04
C VAL B 667 -12.08 2.59 -22.15
N GLN B 668 -12.58 2.21 -23.33
CA GLN B 668 -14.02 2.13 -23.55
C GLN B 668 -14.65 1.04 -22.69
N GLU B 669 -14.08 -0.16 -22.72
CA GLU B 669 -14.64 -1.27 -21.94
C GLU B 669 -14.58 -0.99 -20.45
N LEU B 670 -13.46 -0.44 -19.98
CA LEU B 670 -13.31 -0.16 -18.56
C LEU B 670 -14.25 0.96 -18.11
N SER B 671 -14.45 1.98 -18.95
CA SER B 671 -15.35 3.06 -18.59
C SER B 671 -16.80 2.58 -18.57
N LEU B 672 -17.17 1.71 -19.53
CA LEU B 672 -18.51 1.14 -19.51
C LEU B 672 -18.71 0.28 -18.28
N GLU B 673 -17.68 -0.47 -17.87
CA GLU B 673 -17.78 -1.27 -16.66
C GLU B 673 -17.90 -0.39 -15.42
N TYR B 674 -17.26 0.77 -15.43
CA TYR B 674 -17.35 1.68 -14.29
C TYR B 674 -18.77 2.23 -14.11
N TYR B 675 -19.41 2.64 -15.22
CA TYR B 675 -20.75 3.21 -15.10
C TYR B 675 -21.79 2.14 -14.82
N CYS B 676 -21.59 0.92 -15.30
CA CYS B 676 -22.51 -0.17 -14.98
C CYS B 676 -22.48 -0.47 -13.48
N LYS B 677 -21.28 -0.50 -12.89
CA LYS B 677 -21.19 -0.64 -11.44
C LYS B 677 -21.80 0.57 -10.75
N LEU B 678 -21.65 1.76 -11.33
CA LEU B 678 -22.29 2.94 -10.77
C LEU B 678 -23.80 2.87 -10.88
N LYS B 679 -24.32 2.22 -11.93
CA LYS B 679 -25.76 2.05 -12.05
C LYS B 679 -26.29 1.05 -11.05
N HIS B 680 -25.50 0.02 -10.71
CA HIS B 680 -25.92 -0.96 -9.72
C HIS B 680 -26.09 -0.31 -8.35
N THR B 681 -25.12 0.50 -7.94
CA THR B 681 -25.20 1.19 -6.65
C THR B 681 -26.40 2.13 -6.62
N SER B 682 -26.70 2.79 -7.75
CA SER B 682 -27.87 3.66 -7.81
C SER B 682 -29.14 2.88 -7.51
N LYS B 683 -29.37 1.78 -8.24
CA LYS B 683 -30.54 0.96 -7.98
C LYS B 683 -30.53 0.38 -6.57
N ALA B 684 -29.34 0.03 -6.07
CA ALA B 684 -29.25 -0.53 -4.73
C ALA B 684 -29.59 0.49 -3.66
N LEU B 685 -29.30 1.77 -3.90
CA LEU B 685 -29.64 2.81 -2.93
C LEU B 685 -31.14 2.99 -2.80
N SER B 686 -31.88 2.81 -3.89
CA SER B 686 -33.34 2.94 -3.82
C SER B 686 -33.97 1.73 -3.15
N VAL B 687 -33.43 0.53 -3.40
CA VAL B 687 -33.96 -0.67 -2.77
C VAL B 687 -33.73 -0.62 -1.27
N ASN B 688 -32.56 -0.13 -0.85
CA ASN B 688 -32.24 -0.12 0.58
C ASN B 688 -33.11 0.88 1.33
N SER B 689 -33.45 2.01 0.71
CA SER B 689 -34.29 2.99 1.37
C SER B 689 -35.69 2.45 1.63
N LYS B 690 -36.18 1.57 0.75
CA LYS B 690 -37.47 0.92 1.00
C LYS B 690 -37.38 -0.04 2.18
N VAL B 691 -36.28 -0.78 2.27
CA VAL B 691 -36.10 -1.72 3.37
C VAL B 691 -36.03 -0.98 4.70
N ILE B 692 -35.29 0.13 4.73
CA ILE B 692 -35.12 0.89 5.97
C ILE B 692 -36.47 1.42 6.46
N VAL B 693 -37.26 1.98 5.55
CA VAL B 693 -38.56 2.53 5.93
C VAL B 693 -39.48 1.43 6.42
N ASN B 694 -39.57 0.33 5.66
CA ASN B 694 -40.46 -0.76 6.04
C ASN B 694 -40.03 -1.40 7.35
N THR B 695 -38.72 -1.43 7.63
CA THR B 695 -38.25 -2.06 8.85
C THR B 695 -38.49 -1.17 10.07
N LEU B 696 -38.21 0.13 9.96
CA LEU B 696 -38.27 1.00 11.12
C LEU B 696 -39.69 1.44 11.45
N LYS B 697 -40.55 1.59 10.44
CA LYS B 697 -41.96 1.84 10.72
C LYS B 697 -42.57 0.71 11.53
N LYS B 698 -42.38 -0.53 11.07
CA LYS B 698 -42.85 -1.69 11.81
C LYS B 698 -42.15 -1.82 13.16
N ASN B 699 -40.89 -1.37 13.25
CA ASN B 699 -40.15 -1.48 14.50
C ASN B 699 -40.70 -0.54 15.56
N ILE B 700 -41.20 0.64 15.16
CA ILE B 700 -41.82 1.56 16.11
C ILE B 700 -43.05 0.91 16.74
N LYS B 701 -43.80 0.14 15.96
CA LYS B 701 -44.99 -0.52 16.48
C LYS B 701 -44.65 -1.52 17.57
N ASN B 702 -43.51 -2.20 17.43
CA ASN B 702 -43.05 -3.14 18.45
C ASN B 702 -42.41 -2.36 19.59
N LYS B 703 -43.02 -2.43 20.78
CA LYS B 703 -42.43 -1.77 21.94
C LYS B 703 -41.12 -2.42 22.34
N ASP B 704 -41.06 -3.75 22.30
CA ASP B 704 -39.82 -4.49 22.52
C ASP B 704 -39.12 -4.72 21.18
N SER B 705 -38.83 -3.61 20.50
CA SER B 705 -38.27 -3.65 19.17
C SER B 705 -36.81 -4.10 19.21
N HIS B 706 -36.25 -4.33 18.02
CA HIS B 706 -34.86 -4.70 17.88
C HIS B 706 -33.95 -3.49 18.05
N GLU B 707 -32.67 -3.77 18.26
CA GLU B 707 -31.64 -2.74 18.35
C GLU B 707 -30.74 -2.87 17.13
N TYR B 708 -30.69 -1.81 16.31
CA TYR B 708 -29.99 -1.83 15.04
C TYR B 708 -28.73 -0.98 15.11
N LYS B 709 -27.76 -1.33 14.27
CA LYS B 709 -26.58 -0.52 14.03
C LYS B 709 -26.39 -0.38 12.53
N VAL B 710 -25.89 0.78 12.10
CA VAL B 710 -25.71 1.09 10.70
C VAL B 710 -24.30 0.72 10.28
N GLU B 711 -24.16 0.06 9.13
CA GLU B 711 -22.87 -0.32 8.59
C GLU B 711 -22.78 0.13 7.14
N LEU B 712 -21.59 0.56 6.72
CA LEU B 712 -21.34 0.98 5.35
C LEU B 712 -20.94 -0.26 4.54
N VAL B 713 -21.82 -0.71 3.67
CA VAL B 713 -21.68 -1.97 2.96
C VAL B 713 -21.33 -1.69 1.51
N HIS B 714 -20.38 -2.46 0.98
CA HIS B 714 -19.97 -2.36 -0.42
C HIS B 714 -20.77 -3.35 -1.26
N THR B 715 -21.55 -2.82 -2.22
CA THR B 715 -22.20 -3.69 -3.19
C THR B 715 -21.14 -4.35 -4.06
N THR B 716 -21.26 -5.67 -4.25
CA THR B 716 -20.21 -6.43 -4.93
C THR B 716 -19.98 -5.93 -6.34
N GLU B 717 -21.04 -5.79 -7.13
CA GLU B 717 -20.93 -5.28 -8.49
C GLU B 717 -21.28 -3.81 -8.60
N GLY B 718 -21.31 -3.09 -7.48
CA GLY B 718 -21.52 -1.67 -7.47
C GLY B 718 -20.21 -0.90 -7.37
N TRP B 719 -20.32 0.42 -7.43
CA TRP B 719 -19.16 1.29 -7.30
C TRP B 719 -18.97 1.65 -5.83
N ASN B 720 -17.80 1.30 -5.29
CA ASN B 720 -17.56 1.34 -3.86
C ASN B 720 -17.31 2.75 -3.31
N TYR B 721 -17.30 3.78 -4.17
CA TYR B 721 -17.22 5.14 -3.65
C TYR B 721 -18.51 5.55 -2.94
N PHE B 722 -19.61 4.86 -3.21
CA PHE B 722 -20.92 5.16 -2.62
C PHE B 722 -21.44 3.89 -1.95
N PRO B 723 -20.97 3.60 -0.74
CA PRO B 723 -21.45 2.40 -0.04
C PRO B 723 -22.89 2.57 0.42
N ILE B 724 -23.56 1.44 0.59
CA ILE B 724 -24.96 1.41 0.99
C ILE B 724 -25.02 1.45 2.51
N GLN B 725 -25.74 2.43 3.05
CA GLN B 725 -25.90 2.55 4.51
C GLN B 725 -26.91 1.52 4.97
N THR B 726 -26.42 0.29 5.18
CA THR B 726 -27.27 -0.83 5.57
C THR B 726 -27.35 -0.92 7.08
N LEU B 727 -28.57 -1.08 7.59
CA LEU B 727 -28.78 -1.31 9.02
C LEU B 727 -28.89 -2.81 9.27
N ARG B 728 -28.33 -3.25 10.39
CA ARG B 728 -28.28 -4.66 10.74
C ARG B 728 -28.60 -4.83 12.22
N ILE B 729 -29.12 -6.01 12.56
CA ILE B 729 -29.49 -6.29 13.94
C ILE B 729 -28.23 -6.41 14.79
N LYS B 730 -28.23 -5.74 15.94
CA LYS B 730 -27.11 -5.77 16.87
C LYS B 730 -27.29 -6.95 17.82
N GLN B 731 -26.41 -7.94 17.71
CA GLN B 731 -26.38 -9.08 18.62
C GLN B 731 -25.09 -9.05 19.42
N ASP B 732 -25.19 -9.33 20.72
CA ASP B 732 -24.00 -9.41 21.55
C ASP B 732 -23.20 -10.67 21.21
N ARG B 733 -21.89 -10.59 21.47
CA ARG B 733 -20.99 -11.70 21.16
C ARG B 733 -21.16 -12.85 22.15
N LEU C 4 37.92 1.15 34.21
CA LEU C 4 37.34 0.59 33.00
C LEU C 4 35.81 0.67 33.03
N LYS C 5 35.27 1.81 32.62
CA LYS C 5 33.83 1.97 32.55
C LYS C 5 33.27 1.28 31.32
N LEU C 6 32.00 0.90 31.40
CA LEU C 6 31.35 0.24 30.26
C LEU C 6 31.25 1.17 29.05
N SER C 7 31.17 2.48 29.29
CA SER C 7 31.09 3.45 28.20
C SER C 7 32.33 3.41 27.33
N ASP C 8 33.45 2.90 27.85
CA ASP C 8 34.65 2.78 27.02
C ASP C 8 34.52 1.65 26.01
N PHE C 9 33.75 0.61 26.34
CA PHE C 9 33.67 -0.57 25.48
C PHE C 9 32.77 -0.37 24.28
N ILE C 10 31.78 0.51 24.38
CA ILE C 10 30.84 0.68 23.27
C ILE C 10 31.57 1.23 22.05
N GLY C 11 31.09 0.83 20.87
CA GLY C 11 31.75 1.20 19.63
C GLY C 11 32.97 0.40 19.28
N ASN C 12 33.30 -0.62 20.06
CA ASN C 12 34.46 -1.46 19.81
C ASN C 12 34.04 -2.89 19.52
N THR C 13 34.81 -3.56 18.67
CA THR C 13 34.48 -4.92 18.26
C THR C 13 34.67 -5.89 19.42
N LEU C 14 33.63 -6.67 19.71
CA LEU C 14 33.67 -7.69 20.74
C LEU C 14 33.45 -9.06 20.11
N ILE C 15 34.16 -10.06 20.61
CA ILE C 15 34.02 -11.44 20.16
C ILE C 15 33.16 -12.15 21.20
N VAL C 16 31.87 -12.27 20.89
CA VAL C 16 30.90 -12.86 21.81
C VAL C 16 30.61 -14.28 21.35
N SER C 17 31.01 -15.26 22.15
CA SER C 17 30.77 -16.66 21.85
C SER C 17 29.42 -17.06 22.42
N LEU C 18 28.52 -17.51 21.56
CA LEU C 18 27.20 -17.93 22.02
C LEU C 18 27.29 -19.25 22.78
N THR C 19 26.18 -19.64 23.40
CA THR C 19 26.19 -20.75 24.34
C THR C 19 26.50 -22.08 23.66
N GLU C 20 26.16 -22.23 22.38
CA GLU C 20 26.30 -23.51 21.69
C GLU C 20 27.04 -23.30 20.36
N ASP C 21 28.36 -23.16 20.45
CA ASP C 21 29.26 -23.24 19.29
C ASP C 21 28.90 -22.22 18.21
N ARG C 22 28.62 -20.99 18.64
CA ARG C 22 28.38 -19.88 17.71
C ARG C 22 29.20 -18.68 18.16
N ILE C 23 29.82 -18.01 17.20
CA ILE C 23 30.70 -16.87 17.47
C ILE C 23 30.12 -15.65 16.77
N LEU C 24 29.94 -14.57 17.52
CA LEU C 24 29.45 -13.31 16.99
C LEU C 24 30.54 -12.25 17.10
N VAL C 25 30.87 -11.62 15.98
CA VAL C 25 31.88 -10.57 15.93
C VAL C 25 31.20 -9.30 15.44
N GLY C 26 31.09 -8.31 16.31
CA GLY C 26 30.44 -7.06 15.95
C GLY C 26 30.70 -6.00 16.99
N SER C 27 30.42 -4.76 16.61
CA SER C 27 30.65 -3.62 17.48
C SER C 27 29.53 -3.49 18.51
N LEU C 28 29.91 -3.19 19.76
CA LEU C 28 28.94 -3.04 20.83
C LEU C 28 28.25 -1.69 20.73
N VAL C 29 26.92 -1.71 20.73
CA VAL C 29 26.12 -0.49 20.63
C VAL C 29 25.49 -0.12 21.96
N ALA C 30 24.97 -1.09 22.70
CA ALA C 30 24.31 -0.80 23.97
C ALA C 30 24.38 -2.03 24.87
N VAL C 31 24.27 -1.76 26.17
CA VAL C 31 24.24 -2.81 27.19
C VAL C 31 23.45 -2.28 28.38
N ASP C 32 22.63 -3.15 28.98
CA ASP C 32 21.74 -2.75 30.06
C ASP C 32 22.22 -3.36 31.38
N ALA C 33 21.40 -3.18 32.43
CA ALA C 33 21.79 -3.67 33.75
C ALA C 33 21.66 -5.19 33.85
N GLN C 34 20.79 -5.79 33.05
CA GLN C 34 20.66 -7.23 33.01
C GLN C 34 21.69 -7.88 32.08
N MET C 35 22.63 -7.09 31.56
CA MET C 35 23.69 -7.56 30.68
C MET C 35 23.13 -8.21 29.41
N ASN C 36 22.25 -7.48 28.74
CA ASN C 36 21.79 -7.83 27.40
C ASN C 36 22.54 -6.97 26.40
N LEU C 37 23.11 -7.60 25.39
CA LEU C 37 24.01 -6.93 24.46
C LEU C 37 23.30 -6.59 23.15
N LEU C 38 23.61 -5.43 22.61
CA LEU C 38 23.17 -5.02 21.28
C LEU C 38 24.40 -4.76 20.43
N LEU C 39 24.56 -5.53 19.36
CA LEU C 39 25.73 -5.46 18.50
C LEU C 39 25.33 -5.10 17.09
N ASP C 40 26.21 -4.35 16.42
CA ASP C 40 26.00 -3.95 15.03
C ASP C 40 27.13 -4.52 14.17
N HIS C 41 26.85 -4.66 12.87
CA HIS C 41 27.80 -5.25 11.91
C HIS C 41 28.24 -6.63 12.35
N VAL C 42 27.28 -7.42 12.85
CA VAL C 42 27.59 -8.73 13.41
C VAL C 42 28.01 -9.68 12.31
N GLU C 43 29.10 -10.41 12.54
CA GLU C 43 29.52 -11.51 11.70
C GLU C 43 29.37 -12.81 12.49
N GLU C 44 28.55 -13.72 11.97
CA GLU C 44 28.26 -14.98 12.64
C GLU C 44 29.18 -16.06 12.09
N ARG C 45 30.09 -16.55 12.93
CA ARG C 45 31.05 -17.58 12.55
C ARG C 45 30.75 -18.86 13.32
N MET C 46 30.59 -19.97 12.59
CA MET C 46 30.44 -21.27 13.22
C MET C 46 31.06 -22.31 12.29
N GLY C 47 32.14 -22.93 12.73
CA GLY C 47 32.81 -23.93 11.91
C GLY C 47 33.48 -23.28 10.71
N SER C 48 33.20 -23.83 9.53
CA SER C 48 33.82 -23.32 8.31
C SER C 48 33.08 -22.12 7.74
N SER C 49 31.76 -22.05 7.93
CA SER C 49 30.96 -21.00 7.31
C SER C 49 31.07 -19.69 8.09
N SER C 50 30.56 -18.64 7.47
CA SER C 50 30.57 -17.29 8.05
C SER C 50 29.56 -16.44 7.28
N ARG C 51 28.87 -15.56 8.01
CA ARG C 51 27.90 -14.67 7.37
C ARG C 51 27.69 -13.44 8.25
N MET C 52 27.11 -12.41 7.65
CA MET C 52 26.80 -11.17 8.33
C MET C 52 25.34 -11.16 8.73
N MET C 53 25.03 -10.59 9.91
CA MET C 53 23.68 -10.55 10.42
C MET C 53 23.19 -9.15 10.77
N GLY C 54 24.00 -8.12 10.57
CA GLY C 54 23.53 -6.76 10.84
C GLY C 54 23.44 -6.50 12.33
N LEU C 55 22.32 -5.90 12.75
CA LEU C 55 22.09 -5.56 14.15
C LEU C 55 21.45 -6.75 14.86
N VAL C 56 22.14 -7.29 15.85
CA VAL C 56 21.67 -8.45 16.60
C VAL C 56 21.68 -8.13 18.08
N SER C 57 20.69 -8.67 18.80
CA SER C 57 20.61 -8.54 20.25
C SER C 57 20.92 -9.88 20.90
N VAL C 58 21.75 -9.85 21.93
CA VAL C 58 22.18 -11.08 22.60
C VAL C 58 21.73 -11.04 24.06
N PRO C 59 20.82 -11.93 24.48
CA PRO C 59 20.44 -11.99 25.89
C PRO C 59 21.57 -12.54 26.74
N ARG C 60 21.43 -12.36 28.06
CA ARG C 60 22.46 -12.78 28.99
C ARG C 60 22.64 -14.30 29.00
N ARG C 61 21.53 -15.04 28.99
CA ARG C 61 21.61 -16.50 29.06
C ARG C 61 22.30 -17.08 27.83
N SER C 62 22.11 -16.45 26.66
CA SER C 62 22.68 -16.98 25.44
C SER C 62 24.20 -16.80 25.37
N VAL C 63 24.75 -15.89 26.16
CA VAL C 63 26.18 -15.61 26.11
C VAL C 63 26.94 -16.69 26.86
N LYS C 64 28.04 -17.15 26.28
CA LYS C 64 28.98 -18.03 26.96
C LYS C 64 30.24 -17.30 27.42
N THR C 65 30.81 -16.45 26.59
CA THR C 65 31.97 -15.65 26.97
C THR C 65 32.08 -14.45 26.05
N ILE C 66 32.74 -13.41 26.55
CA ILE C 66 32.97 -12.17 25.82
C ILE C 66 34.47 -11.88 25.84
N MET C 67 35.04 -11.64 24.65
CA MET C 67 36.47 -11.39 24.53
C MET C 67 36.70 -10.19 23.61
N ILE C 68 37.77 -9.44 23.91
CA ILE C 68 38.14 -8.26 23.13
C ILE C 68 39.60 -8.39 22.72
N ASP C 69 39.92 -7.88 21.53
CA ASP C 69 41.29 -7.87 21.05
C ASP C 69 42.16 -7.02 21.98
N LYS C 70 43.35 -7.54 22.30
CA LYS C 70 44.23 -6.90 23.29
C LYS C 70 44.76 -5.55 22.79
N PRO C 71 45.23 -5.43 21.54
CA PRO C 71 45.61 -4.10 21.04
C PRO C 71 44.48 -3.08 21.10
N VAL C 72 43.25 -3.51 20.84
CA VAL C 72 42.12 -2.58 20.89
C VAL C 72 41.87 -2.13 22.32
N LEU C 73 42.06 -3.03 23.29
CA LEU C 73 41.73 -2.72 24.68
C LEU C 73 42.62 -1.63 25.24
N GLN C 74 43.90 -1.59 24.82
CA GLN C 74 44.83 -0.64 25.42
C GLN C 74 44.61 0.79 24.90
N GLU C 75 44.14 0.93 23.66
CA GLU C 75 43.84 2.27 23.14
C GLU C 75 42.57 2.86 23.75
N LEU C 76 41.75 2.04 24.42
CA LEU C 76 40.55 2.57 25.05
C LEU C 76 40.89 3.39 26.28
N THR C 77 41.90 2.97 27.04
CA THR C 77 42.30 3.64 28.27
C THR C 77 42.79 5.06 27.99
N MET D 1 -0.88 -2.28 16.66
CA MET D 1 0.35 -2.59 17.38
C MET D 1 1.54 -1.85 16.77
N PHE D 2 2.74 -2.21 17.23
CA PHE D 2 3.98 -1.59 16.76
C PHE D 2 4.65 -2.51 15.75
N HIS D 3 5.00 -1.96 14.59
CA HIS D 3 5.62 -2.73 13.52
C HIS D 3 6.78 -1.94 12.93
N LEU D 4 7.94 -2.57 12.83
CA LEU D 4 9.08 -1.98 12.16
C LEU D 4 9.15 -2.48 10.73
N1A COA E . -15.04 -8.33 19.35
C2A COA E . -15.49 -7.10 18.97
N3A COA E . -15.30 -6.02 19.81
C4A COA E . -14.67 -6.18 21.00
C5A COA E . -14.23 -7.39 21.36
C6A COA E . -14.42 -8.49 20.51
N6A COA E . -14.05 -9.85 20.68
N7A COA E . -13.64 -7.27 22.57
C8A COA E . -13.72 -6.00 22.95
N9A COA E . -14.35 -5.32 21.99
C1B COA E . -14.68 -3.91 21.95
C2B COA E . -15.93 -3.72 22.32
O2B COA E . -16.44 -2.56 21.65
C3B COA E . -15.84 -3.45 23.84
O3B COA E . -16.87 -2.71 24.26
P3B COA E . -18.30 -3.50 24.71
O7A COA E . -17.98 -4.56 25.75
O8A COA E . -19.30 -2.48 25.30
O9A COA E . -18.91 -4.16 23.49
C4B COA E . -14.50 -2.66 23.99
O4B COA E . -13.73 -3.07 23.01
C5B COA E . -13.84 -2.98 25.33
O5B COA E . -13.37 -4.30 25.33
P1A COA E . -12.51 -4.84 26.64
O1A COA E . -13.31 -5.89 27.38
O2A COA E . -12.24 -3.69 27.55
O3A COA E . -11.05 -5.46 26.15
P2A COA E . -10.52 -7.05 26.44
O4A COA E . -10.06 -7.18 27.88
O5A COA E . -11.64 -8.02 26.15
O6A COA E . -9.25 -7.34 25.41
CBP COA E . -8.04 -6.97 23.36
CCP COA E . -9.35 -6.78 24.11
CDP COA E . -8.03 -6.08 22.17
CEP COA E . -6.89 -6.59 24.27
CAP COA E . -7.91 -8.45 22.94
OAP COA E . -8.78 -8.70 21.91
C9P COA E . -6.46 -8.78 22.48
O9P COA E . -5.69 -9.35 23.24
N8P COA E . -6.01 -8.42 21.09
C7P COA E . -4.60 -8.75 20.63
C6P COA E . -3.67 -7.56 20.93
C5P COA E . -3.98 -6.40 19.96
O5P COA E . -4.08 -6.60 18.79
N4P COA E . -4.18 -5.09 20.47
C3P COA E . -4.48 -3.96 19.59
C2P COA E . -3.22 -3.57 18.76
S1P COA E . -2.68 -1.87 19.27
CL CL F . 5.45 -11.34 38.27
C1 GOL G . -2.60 10.89 9.70
O1 GOL G . -1.92 10.19 8.71
C2 GOL G . -2.59 12.38 9.29
O2 GOL G . -2.87 12.54 7.94
C3 GOL G . -3.65 13.06 10.20
O3 GOL G . -2.98 13.60 11.30
I IOD H . -5.46 6.98 2.95
I IOD I . -20.93 4.19 13.85
I IOD J . 23.40 -20.33 0.71
I IOD K . 12.18 -12.48 3.85
I IOD L . 26.06 -6.25 8.17
I IOD M . 19.60 -10.20 -8.86
I IOD N . -42.88 6.29 3.14
CL CL O . 11.11 -29.30 -3.15
CL CL P . -8.20 18.12 -19.57
CL CL Q . 1.74 32.72 -16.80
CL CL R . -16.37 10.27 -9.08
CL CL S . -11.47 18.27 -26.65
C1 GOL T . -14.21 8.60 -13.21
O1 GOL T . -14.42 9.72 -14.02
C2 GOL T . -14.09 9.10 -11.75
O2 GOL T . -12.89 9.76 -11.53
C3 GOL T . -14.24 7.84 -10.88
O3 GOL T . -13.34 6.91 -11.38
C1 GOL U . -28.71 13.78 -12.08
O1 GOL U . -28.06 12.88 -12.91
C2 GOL U . -30.21 13.76 -12.45
O2 GOL U . -30.42 14.11 -13.78
C3 GOL U . -30.90 14.74 -11.47
O3 GOL U . -32.27 14.68 -11.73
C1 GOL V . -13.68 30.47 -9.57
O1 GOL V . -14.12 30.99 -8.36
C2 GOL V . -12.22 30.93 -9.76
O2 GOL V . -11.40 30.50 -8.71
C3 GOL V . -11.79 30.32 -11.11
O3 GOL V . -10.52 30.84 -11.39
I IOD W . 29.47 4.13 32.20
#